data_7SOH
# 
_entry.id   7SOH 
# 
_audit_conform.dict_name       mmcif_pdbx.dic 
_audit_conform.dict_version    5.397 
_audit_conform.dict_location   http://mmcif.pdb.org/dictionaries/ascii/mmcif_pdbx.dic 
# 
loop_
_database_2.database_id 
_database_2.database_code 
_database_2.pdbx_database_accession 
_database_2.pdbx_DOI 
PDB   7SOH         pdb_00007soh 10.2210/pdb7soh/pdb 
WWPDB D_1000260826 ?            ?                   
# 
loop_
_pdbx_audit_revision_history.ordinal 
_pdbx_audit_revision_history.data_content_type 
_pdbx_audit_revision_history.major_revision 
_pdbx_audit_revision_history.minor_revision 
_pdbx_audit_revision_history.revision_date 
1 'Structure model' 1 0 2022-06-29 
2 'Structure model' 1 1 2023-10-18 
3 'Structure model' 1 2 2024-10-16 
# 
_pdbx_audit_revision_details.ordinal             1 
_pdbx_audit_revision_details.revision_ordinal    1 
_pdbx_audit_revision_details.data_content_type   'Structure model' 
_pdbx_audit_revision_details.provider            repository 
_pdbx_audit_revision_details.type                'Initial release' 
_pdbx_audit_revision_details.description         ? 
_pdbx_audit_revision_details.details             ? 
# 
loop_
_pdbx_audit_revision_group.ordinal 
_pdbx_audit_revision_group.revision_ordinal 
_pdbx_audit_revision_group.data_content_type 
_pdbx_audit_revision_group.group 
1 2 'Structure model' 'Data collection'        
2 2 'Structure model' 'Refinement description' 
3 3 'Structure model' 'Structure summary'      
# 
loop_
_pdbx_audit_revision_category.ordinal 
_pdbx_audit_revision_category.revision_ordinal 
_pdbx_audit_revision_category.data_content_type 
_pdbx_audit_revision_category.category 
1 2 'Structure model' chem_comp_atom                
2 2 'Structure model' chem_comp_bond                
3 2 'Structure model' pdbx_initial_refinement_model 
4 3 'Structure model' pdbx_entry_details            
5 3 'Structure model' pdbx_modification_feature     
# 
_pdbx_database_status.status_code                     REL 
_pdbx_database_status.status_code_sf                  REL 
_pdbx_database_status.status_code_mr                  ? 
_pdbx_database_status.entry_id                        7SOH 
_pdbx_database_status.recvd_initial_deposition_date   2021-10-30 
_pdbx_database_status.SG_entry                        N 
_pdbx_database_status.deposit_site                    RCSB 
_pdbx_database_status.process_site                    RCSB 
_pdbx_database_status.status_code_cs                  ? 
_pdbx_database_status.status_code_nmr_data            ? 
_pdbx_database_status.methods_development_category    ? 
_pdbx_database_status.pdb_format_compatible           Y 
# 
_pdbx_contact_author.id                 2 
_pdbx_contact_author.email              rstrong@fredhutch.org 
_pdbx_contact_author.name_first         Roland 
_pdbx_contact_author.name_last          Strong 
_pdbx_contact_author.name_mi            ? 
_pdbx_contact_author.role               'principal investigator/group leader' 
_pdbx_contact_author.identifier_ORCID   0000-0002-1338-2189 
# 
loop_
_audit_author.name 
_audit_author.pdbx_ordinal 
_audit_author.identifier_ORCID 
'Gewe, M.M.'   1 ? 
'Strong, R.K.' 2 ? 
# 
_citation.abstract                  ? 
_citation.abstract_id_CAS           ? 
_citation.book_id_ISBN              ? 
_citation.book_publisher            ? 
_citation.book_publisher_city       ? 
_citation.book_title                ? 
_citation.coordinate_linkage        ? 
_citation.country                   US 
_citation.database_id_Medline       ? 
_citation.details                   ? 
_citation.id                        primary 
_citation.journal_abbrev            'Nat Struct Mol Biol' 
_citation.journal_id_ASTM           ? 
_citation.journal_id_CSD            ? 
_citation.journal_id_ISSN           1545-9985 
_citation.journal_full              ? 
_citation.journal_issue             ? 
_citation.journal_volume            25 
_citation.language                  ? 
_citation.page_first                270 
_citation.page_last                 278 
_citation.title                     
'Screening, large-scale production and structure-based classification of cystine-dense peptides.' 
_citation.year                      2018 
_citation.database_id_CSD           ? 
_citation.pdbx_database_id_DOI      10.1038/s41594-018-0033-9 
_citation.pdbx_database_id_PubMed   ? 
_citation.pdbx_database_id_patent   ? 
_citation.unpublished_flag          ? 
# 
loop_
_citation_author.citation_id 
_citation_author.name 
_citation_author.ordinal 
_citation_author.identifier_ORCID 
primary 'Correnti, C.E.'          1  ?                   
primary 'Gewe, M.M.'              2  ?                   
primary 'Mehlin, C.'              3  ?                   
primary 'Bandaranayake, A.D.'     4  ?                   
primary 'Johnsen, W.A.'           5  ?                   
primary 'Rupert, P.B.'            6  ?                   
primary 'Brusniak, M.Y.'          7  0000-0003-3950-1614 
primary 'Clarke, M.'              8  0000-0002-2402-108X 
primary 'Burke, S.E.'             9  ?                   
primary 'De Van Der Schueren, W.' 10 ?                   
primary 'Pilat, K.'               11 ?                   
primary 'Turnbaugh, S.M.'         12 ?                   
primary 'May, D.'                 13 0000-0001-6902-3153 
primary 'Watson, A.'              14 0000-0003-0404-5735 
primary 'Chan, M.K.'              15 0000-0002-8133-9764 
primary 'Bahl, C.D.'              16 0000-0002-3652-3693 
primary 'Olson, J.M.'             17 ?                   
primary 'Strong, R.K.'            18 0000-0002-1338-2189 
# 
loop_
_entity.id 
_entity.type 
_entity.src_method 
_entity.pdbx_description 
_entity.formula_weight 
_entity.pdbx_number_of_molecules 
_entity.pdbx_ec 
_entity.pdbx_mutation 
_entity.pdbx_fragment 
_entity.details 
1 polymer man Chlorotoxin 4239.984 1  ? ? ? ? 
2 water   nat water       18.015   15 ? ? ? ? 
# 
_entity_name_com.entity_id   1 
_entity_name_com.name        CTX,ClTx 
# 
_entity_poly.entity_id                      1 
_entity_poly.type                           'polypeptide(L)' 
_entity_poly.nstd_linkage                   no 
_entity_poly.nstd_monomer                   no 
_entity_poly.pdbx_seq_one_letter_code       GSMCMPCFTTDHQMARRCDDCCGGRGRGRCYGPQCLCR 
_entity_poly.pdbx_seq_one_letter_code_can   GSMCMPCFTTDHQMARRCDDCCGGRGRGRCYGPQCLCR 
_entity_poly.pdbx_strand_id                 A 
_entity_poly.pdbx_target_identifier         ? 
# 
_pdbx_entity_nonpoly.entity_id   2 
_pdbx_entity_nonpoly.name        water 
_pdbx_entity_nonpoly.comp_id     HOH 
# 
loop_
_entity_poly_seq.entity_id 
_entity_poly_seq.num 
_entity_poly_seq.mon_id 
_entity_poly_seq.hetero 
1 1  GLY n 
1 2  SER n 
1 3  MET n 
1 4  CYS n 
1 5  MET n 
1 6  PRO n 
1 7  CYS n 
1 8  PHE n 
1 9  THR n 
1 10 THR n 
1 11 ASP n 
1 12 HIS n 
1 13 GLN n 
1 14 MET n 
1 15 ALA n 
1 16 ARG n 
1 17 ARG n 
1 18 CYS n 
1 19 ASP n 
1 20 ASP n 
1 21 CYS n 
1 22 CYS n 
1 23 GLY n 
1 24 GLY n 
1 25 ARG n 
1 26 GLY n 
1 27 ARG n 
1 28 GLY n 
1 29 ARG n 
1 30 CYS n 
1 31 TYR n 
1 32 GLY n 
1 33 PRO n 
1 34 GLN n 
1 35 CYS n 
1 36 LEU n 
1 37 CYS n 
1 38 ARG n 
# 
_entity_src_gen.entity_id                          1 
_entity_src_gen.pdbx_src_id                        1 
_entity_src_gen.pdbx_alt_source_flag               sample 
_entity_src_gen.pdbx_seq_type                      'Biological sequence' 
_entity_src_gen.pdbx_beg_seq_num                   1 
_entity_src_gen.pdbx_end_seq_num                   38 
_entity_src_gen.gene_src_common_name               'Egyptian scorpion, Deathstalker scorpion' 
_entity_src_gen.gene_src_genus                     ? 
_entity_src_gen.pdbx_gene_src_gene                 ? 
_entity_src_gen.gene_src_species                   ? 
_entity_src_gen.gene_src_strain                    ? 
_entity_src_gen.gene_src_tissue                    ? 
_entity_src_gen.gene_src_tissue_fraction           ? 
_entity_src_gen.gene_src_details                   ? 
_entity_src_gen.pdbx_gene_src_fragment             ? 
_entity_src_gen.pdbx_gene_src_scientific_name      'Leiurus quinquestriatus quinquestriatus' 
_entity_src_gen.pdbx_gene_src_ncbi_taxonomy_id     6885 
_entity_src_gen.pdbx_gene_src_variant              ? 
_entity_src_gen.pdbx_gene_src_cell_line            ? 
_entity_src_gen.pdbx_gene_src_atcc                 ? 
_entity_src_gen.pdbx_gene_src_organ                ? 
_entity_src_gen.pdbx_gene_src_organelle            ? 
_entity_src_gen.pdbx_gene_src_cell                 ? 
_entity_src_gen.pdbx_gene_src_cellular_location    ? 
_entity_src_gen.host_org_common_name               human 
_entity_src_gen.pdbx_host_org_scientific_name      'Homo sapiens' 
_entity_src_gen.pdbx_host_org_ncbi_taxonomy_id     9606 
_entity_src_gen.host_org_genus                     ? 
_entity_src_gen.pdbx_host_org_gene                 ? 
_entity_src_gen.pdbx_host_org_organ                ? 
_entity_src_gen.host_org_species                   ? 
_entity_src_gen.pdbx_host_org_tissue               ? 
_entity_src_gen.pdbx_host_org_tissue_fraction      ? 
_entity_src_gen.pdbx_host_org_strain               ? 
_entity_src_gen.pdbx_host_org_variant              ? 
_entity_src_gen.pdbx_host_org_cell_line            ? 
_entity_src_gen.pdbx_host_org_atcc                 ? 
_entity_src_gen.pdbx_host_org_culture_collection   ? 
_entity_src_gen.pdbx_host_org_cell                 ? 
_entity_src_gen.pdbx_host_org_organelle            ? 
_entity_src_gen.pdbx_host_org_cellular_location    ? 
_entity_src_gen.pdbx_host_org_vector_type          ? 
_entity_src_gen.pdbx_host_org_vector               ? 
_entity_src_gen.host_org_details                   ? 
_entity_src_gen.expression_system_id               ? 
_entity_src_gen.plasmid_name                       ? 
_entity_src_gen.plasmid_details                    ? 
_entity_src_gen.pdbx_description                   ? 
# 
loop_
_chem_comp.id 
_chem_comp.type 
_chem_comp.mon_nstd_flag 
_chem_comp.name 
_chem_comp.pdbx_synonyms 
_chem_comp.formula 
_chem_comp.formula_weight 
ALA 'L-peptide linking' y ALANINE         ? 'C3 H7 N O2'     89.093  
ARG 'L-peptide linking' y ARGININE        ? 'C6 H15 N4 O2 1' 175.209 
ASP 'L-peptide linking' y 'ASPARTIC ACID' ? 'C4 H7 N O4'     133.103 
CYS 'L-peptide linking' y CYSTEINE        ? 'C3 H7 N O2 S'   121.158 
GLN 'L-peptide linking' y GLUTAMINE       ? 'C5 H10 N2 O3'   146.144 
GLY 'peptide linking'   y GLYCINE         ? 'C2 H5 N O2'     75.067  
HIS 'L-peptide linking' y HISTIDINE       ? 'C6 H10 N3 O2 1' 156.162 
HOH non-polymer         . WATER           ? 'H2 O'           18.015  
LEU 'L-peptide linking' y LEUCINE         ? 'C6 H13 N O2'    131.173 
LYS 'L-peptide linking' y LYSINE          ? 'C6 H15 N2 O2 1' 147.195 
MET 'L-peptide linking' y METHIONINE      ? 'C5 H11 N O2 S'  149.211 
PHE 'L-peptide linking' y PHENYLALANINE   ? 'C9 H11 N O2'    165.189 
PRO 'L-peptide linking' y PROLINE         ? 'C5 H9 N O2'     115.130 
SER 'L-peptide linking' y SERINE          ? 'C3 H7 N O3'     105.093 
THR 'L-peptide linking' y THREONINE       ? 'C4 H9 N O3'     119.119 
TYR 'L-peptide linking' y TYROSINE        ? 'C9 H11 N O3'    181.189 
# 
loop_
_pdbx_poly_seq_scheme.asym_id 
_pdbx_poly_seq_scheme.entity_id 
_pdbx_poly_seq_scheme.seq_id 
_pdbx_poly_seq_scheme.mon_id 
_pdbx_poly_seq_scheme.ndb_seq_num 
_pdbx_poly_seq_scheme.pdb_seq_num 
_pdbx_poly_seq_scheme.auth_seq_num 
_pdbx_poly_seq_scheme.pdb_mon_id 
_pdbx_poly_seq_scheme.auth_mon_id 
_pdbx_poly_seq_scheme.pdb_strand_id 
_pdbx_poly_seq_scheme.pdb_ins_code 
_pdbx_poly_seq_scheme.hetero 
A 1 1  GLY 1  -1 -1 GLY GLY A . n 
A 1 2  SER 2  0  0  SER SER A . n 
A 1 3  MET 3  1  1  MET MET A . n 
A 1 4  CYS 4  2  2  CYS CYS A . n 
A 1 5  MET 5  3  3  MET MET A . n 
A 1 6  PRO 6  4  4  PRO PRO A . n 
A 1 7  CYS 7  5  5  CYS CYS A . n 
A 1 8  PHE 8  6  6  PHE PHE A . n 
A 1 9  THR 9  7  7  THR THR A . n 
A 1 10 THR 10 8  8  THR THR A . n 
A 1 11 ASP 11 9  9  ASP ASP A . n 
A 1 12 HIS 12 10 10 HIS HIS A . n 
A 1 13 GLN 13 11 11 GLN GLN A . n 
A 1 14 MET 14 12 12 MET MET A . n 
A 1 15 ALA 15 13 13 ALA ALA A . n 
A 1 16 ARG 16 14 14 ARG ARG A . n 
A 1 17 ARG 17 15 15 ARG ARG A . n 
A 1 18 CYS 18 16 16 CYS CYS A . n 
A 1 19 ASP 19 17 17 ASP ASP A . n 
A 1 20 ASP 20 18 18 ASP ASP A . n 
A 1 21 CYS 21 19 19 CYS CYS A . n 
A 1 22 CYS 22 20 20 CYS CYS A . n 
A 1 23 GLY 23 21 21 GLY GLY A . n 
A 1 24 GLY 24 22 22 GLY GLY A . n 
A 1 25 ARG 25 23 23 ARG ARG A . n 
A 1 26 GLY 26 24 24 GLY GLY A . n 
A 1 27 ARG 27 25 25 ARG ARG A . n 
A 1 28 GLY 28 26 26 GLY GLY A . n 
A 1 29 ARG 29 27 27 ARG ARG A . n 
A 1 30 CYS 30 28 28 CYS CYS A . n 
A 1 31 TYR 31 29 29 TYR TYR A . n 
A 1 32 GLY 32 30 30 GLY GLY A . n 
A 1 33 PRO 33 31 31 PRO PRO A . n 
A 1 34 GLN 34 32 32 GLN GLN A . n 
A 1 35 CYS 35 33 33 CYS CYS A . n 
A 1 36 LEU 36 34 34 LEU LEU A . n 
A 1 37 CYS 37 35 35 CYS CYS A . n 
A 1 38 ARG 38 36 36 ARG ARG A . n 
# 
loop_
_pdbx_nonpoly_scheme.asym_id 
_pdbx_nonpoly_scheme.entity_id 
_pdbx_nonpoly_scheme.mon_id 
_pdbx_nonpoly_scheme.ndb_seq_num 
_pdbx_nonpoly_scheme.pdb_seq_num 
_pdbx_nonpoly_scheme.auth_seq_num 
_pdbx_nonpoly_scheme.pdb_mon_id 
_pdbx_nonpoly_scheme.auth_mon_id 
_pdbx_nonpoly_scheme.pdb_strand_id 
_pdbx_nonpoly_scheme.pdb_ins_code 
B 2 HOH 1  101 9  HOH HOH A . 
B 2 HOH 2  102 11 HOH HOH A . 
B 2 HOH 3  103 3  HOH HOH A . 
B 2 HOH 4  104 6  HOH HOH A . 
B 2 HOH 5  105 10 HOH HOH A . 
B 2 HOH 6  106 5  HOH HOH A . 
B 2 HOH 7  107 7  HOH HOH A . 
B 2 HOH 8  108 2  HOH HOH A . 
B 2 HOH 9  109 12 HOH HOH A . 
B 2 HOH 10 110 4  HOH HOH A . 
B 2 HOH 11 111 1  HOH HOH A . 
B 2 HOH 12 112 14 HOH HOH A . 
B 2 HOH 13 113 13 HOH HOH A . 
B 2 HOH 14 114 8  HOH HOH A . 
B 2 HOH 15 115 15 HOH HOH A . 
# 
loop_
_pdbx_unobs_or_zero_occ_atoms.id 
_pdbx_unobs_or_zero_occ_atoms.PDB_model_num 
_pdbx_unobs_or_zero_occ_atoms.polymer_flag 
_pdbx_unobs_or_zero_occ_atoms.occupancy_flag 
_pdbx_unobs_or_zero_occ_atoms.auth_asym_id 
_pdbx_unobs_or_zero_occ_atoms.auth_comp_id 
_pdbx_unobs_or_zero_occ_atoms.auth_seq_id 
_pdbx_unobs_or_zero_occ_atoms.PDB_ins_code 
_pdbx_unobs_or_zero_occ_atoms.auth_atom_id 
_pdbx_unobs_or_zero_occ_atoms.label_alt_id 
_pdbx_unobs_or_zero_occ_atoms.label_asym_id 
_pdbx_unobs_or_zero_occ_atoms.label_comp_id 
_pdbx_unobs_or_zero_occ_atoms.label_seq_id 
_pdbx_unobs_or_zero_occ_atoms.label_atom_id 
1 1 Y 1 A ARG 14 ? CG  ? A ARG 16 CG  
2 1 Y 1 A ARG 14 ? CD  ? A ARG 16 CD  
3 1 Y 1 A ARG 14 ? NE  ? A ARG 16 NE  
4 1 Y 1 A ARG 14 ? CZ  ? A ARG 16 CZ  
5 1 Y 1 A ARG 14 ? NH1 ? A ARG 16 NH1 
6 1 Y 1 A ARG 14 ? NH2 ? A ARG 16 NH2 
7 1 Y 1 A ARG 23 ? CZ  ? A ARG 25 CZ  
8 1 Y 1 A ARG 23 ? NH1 ? A ARG 25 NH1 
9 1 Y 1 A ARG 23 ? NH2 ? A ARG 25 NH2 
# 
loop_
_software.citation_id 
_software.classification 
_software.compiler_name 
_software.compiler_version 
_software.contact_author 
_software.contact_author_email 
_software.date 
_software.description 
_software.dependencies 
_software.hardware 
_software.language 
_software.location 
_software.mods 
_software.name 
_software.os 
_software.os_version 
_software.type 
_software.version 
_software.pdbx_ordinal 
? 'data reduction'  ? ? 'Zbyszek Otwinowski' hkl@hkl-xray.com            ?               ? ? ? ?          http://www.hkl-xray.com/ 
? HKL-2000    ? ? package .        1 
? 'data scaling'    ? ? 'Zbyszek Otwinowski' hkl@hkl-xray.com            ?               ? ? ? ?          http://www.hkl-xray.com/ 
? HKL-2000    ? ? package .        2 
? phasing           ? ? 'Randy J. Read'      cimr-phaser@lists.cam.ac.uk ?               ? ? ? ?          
http://www-structmed.cimr.cam.ac.uk/phaser/  ? PHASER      ? ? program .        3 
? refinement        ? ? 'Garib N. Murshudov' garib@ysbl.york.ac.uk       ?               ? ? ? Fortran_77 
http://www.ccp4.ac.uk/dist/html/refmac5.html ? REFMAC      ? ? program 5.8.0123 4 
? 'data extraction' ? ? PDB                  deposit@deposit.rcsb.org    'Oct. 31, 2020' ? ? ? C++        
http://sw-tools.pdb.org/apps/PDB_EXTRACT/    ? PDB_EXTRACT ? ? package 3.27     5 
# 
_cell.angle_alpha                  90.000 
_cell.angle_alpha_esd              ? 
_cell.angle_beta                   90.000 
_cell.angle_beta_esd               ? 
_cell.angle_gamma                  90.000 
_cell.angle_gamma_esd              ? 
_cell.entry_id                     7SOH 
_cell.details                      ? 
_cell.formula_units_Z              ? 
_cell.length_a                     22.498 
_cell.length_a_esd                 ? 
_cell.length_b                     26.350 
_cell.length_b_esd                 ? 
_cell.length_c                     47.738 
_cell.length_c_esd                 ? 
_cell.volume                       ? 
_cell.volume_esd                   ? 
_cell.Z_PDB                        4 
_cell.reciprocal_angle_alpha       ? 
_cell.reciprocal_angle_beta        ? 
_cell.reciprocal_angle_gamma       ? 
_cell.reciprocal_angle_alpha_esd   ? 
_cell.reciprocal_angle_beta_esd    ? 
_cell.reciprocal_angle_gamma_esd   ? 
_cell.reciprocal_length_a          ? 
_cell.reciprocal_length_b          ? 
_cell.reciprocal_length_c          ? 
_cell.reciprocal_length_a_esd      ? 
_cell.reciprocal_length_b_esd      ? 
_cell.reciprocal_length_c_esd      ? 
_cell.pdbx_unique_axis             ? 
# 
_symmetry.entry_id                         7SOH 
_symmetry.cell_setting                     ? 
_symmetry.Int_Tables_number                19 
_symmetry.space_group_name_Hall            ? 
_symmetry.space_group_name_H-M             'P 21 21 21' 
_symmetry.pdbx_full_space_group_name_H-M   ? 
# 
_exptl.absorpt_coefficient_mu     ? 
_exptl.absorpt_correction_T_max   ? 
_exptl.absorpt_correction_T_min   ? 
_exptl.absorpt_correction_type    ? 
_exptl.absorpt_process_details    ? 
_exptl.entry_id                   7SOH 
_exptl.crystals_number            1 
_exptl.details                    ? 
_exptl.method                     'X-RAY DIFFRACTION' 
_exptl.method_details             ? 
# 
_exptl_crystal.colour                      ? 
_exptl_crystal.density_diffrn              ? 
_exptl_crystal.density_Matthews            1.67 
_exptl_crystal.density_method              ? 
_exptl_crystal.density_percent_sol         26.29 
_exptl_crystal.description                 ? 
_exptl_crystal.F_000                       ? 
_exptl_crystal.id                          1 
_exptl_crystal.preparation                 ? 
_exptl_crystal.size_max                    ? 
_exptl_crystal.size_mid                    ? 
_exptl_crystal.size_min                    ? 
_exptl_crystal.size_rad                    ? 
_exptl_crystal.colour_lustre               ? 
_exptl_crystal.colour_modifier             ? 
_exptl_crystal.colour_primary              ? 
_exptl_crystal.density_meas                ? 
_exptl_crystal.density_meas_esd            ? 
_exptl_crystal.density_meas_gt             ? 
_exptl_crystal.density_meas_lt             ? 
_exptl_crystal.density_meas_temp           ? 
_exptl_crystal.density_meas_temp_esd       ? 
_exptl_crystal.density_meas_temp_gt        ? 
_exptl_crystal.density_meas_temp_lt        ? 
_exptl_crystal.pdbx_crystal_image_url      ? 
_exptl_crystal.pdbx_crystal_image_format   ? 
_exptl_crystal.pdbx_mosaicity              ? 
_exptl_crystal.pdbx_mosaicity_esd          ? 
# 
_exptl_crystal_grow.apparatus       ? 
_exptl_crystal_grow.atmosphere      ? 
_exptl_crystal_grow.crystal_id      1 
_exptl_crystal_grow.details         ? 
_exptl_crystal_grow.method          'VAPOR DIFFUSION, SITTING DROP' 
_exptl_crystal_grow.method_ref      ? 
_exptl_crystal_grow.pH              8.5 
_exptl_crystal_grow.pressure        ? 
_exptl_crystal_grow.pressure_esd    ? 
_exptl_crystal_grow.seeding         ? 
_exptl_crystal_grow.seeding_ref     ? 
_exptl_crystal_grow.temp            298 
_exptl_crystal_grow.temp_details    ? 
_exptl_crystal_grow.temp_esd        ? 
_exptl_crystal_grow.time            ? 
_exptl_crystal_grow.pdbx_details    '0.2 M tri-Potassium Citrate, 20% (w/v) PEG3350' 
_exptl_crystal_grow.pdbx_pH_range   ? 
# 
_diffrn.ambient_environment              ? 
_diffrn.ambient_temp                     100 
_diffrn.ambient_temp_details             ? 
_diffrn.ambient_temp_esd                 ? 
_diffrn.crystal_id                       1 
_diffrn.crystal_support                  ? 
_diffrn.crystal_treatment                ? 
_diffrn.details                          ? 
_diffrn.id                               1 
_diffrn.ambient_pressure                 ? 
_diffrn.ambient_pressure_esd             ? 
_diffrn.ambient_pressure_gt              ? 
_diffrn.ambient_pressure_lt              ? 
_diffrn.ambient_temp_gt                  ? 
_diffrn.ambient_temp_lt                  ? 
_diffrn.pdbx_serial_crystal_experiment   N 
# 
_diffrn_detector.details                      ? 
_diffrn_detector.detector                     CCD 
_diffrn_detector.diffrn_id                    1 
_diffrn_detector.type                         'RIGAKU SATURN 944+' 
_diffrn_detector.area_resol_mean              ? 
_diffrn_detector.dtime                        ? 
_diffrn_detector.pdbx_frames_total            ? 
_diffrn_detector.pdbx_collection_time_total   ? 
_diffrn_detector.pdbx_collection_date         2016-10-07 
_diffrn_detector.pdbx_frequency               ? 
# 
_diffrn_radiation.collimation                      ? 
_diffrn_radiation.diffrn_id                        1 
_diffrn_radiation.filter_edge                      ? 
_diffrn_radiation.inhomogeneity                    ? 
_diffrn_radiation.monochromator                    ? 
_diffrn_radiation.polarisn_norm                    ? 
_diffrn_radiation.polarisn_ratio                   ? 
_diffrn_radiation.probe                            ? 
_diffrn_radiation.type                             ? 
_diffrn_radiation.xray_symbol                      ? 
_diffrn_radiation.wavelength_id                    1 
_diffrn_radiation.pdbx_monochromatic_or_laue_m_l   M 
_diffrn_radiation.pdbx_wavelength_list             ? 
_diffrn_radiation.pdbx_wavelength                  ? 
_diffrn_radiation.pdbx_diffrn_protocol             'SINGLE WAVELENGTH' 
_diffrn_radiation.pdbx_analyzer                    ? 
_diffrn_radiation.pdbx_scattering_type             x-ray 
# 
_diffrn_radiation_wavelength.id           1 
_diffrn_radiation_wavelength.wavelength   1.54 
_diffrn_radiation_wavelength.wt           1.0 
# 
_diffrn_source.current                     ? 
_diffrn_source.details                     ? 
_diffrn_source.diffrn_id                   1 
_diffrn_source.power                       ? 
_diffrn_source.size                        ? 
_diffrn_source.source                      'ROTATING ANODE' 
_diffrn_source.target                      ? 
_diffrn_source.type                        'RIGAKU MICROMAX-007 HF' 
_diffrn_source.voltage                     ? 
_diffrn_source.take-off_angle              ? 
_diffrn_source.pdbx_wavelength_list        1.54 
_diffrn_source.pdbx_wavelength             ? 
_diffrn_source.pdbx_synchrotron_beamline   ? 
_diffrn_source.pdbx_synchrotron_site       ? 
# 
_reflns.B_iso_Wilson_estimate                          ? 
_reflns.entry_id                                       7SOH 
_reflns.data_reduction_details                         ? 
_reflns.data_reduction_method                          ? 
_reflns.d_resolution_high                              1.81 
_reflns.d_resolution_low                               50 
_reflns.details                                        ? 
_reflns.limit_h_max                                    ? 
_reflns.limit_h_min                                    ? 
_reflns.limit_k_max                                    ? 
_reflns.limit_k_min                                    ? 
_reflns.limit_l_max                                    ? 
_reflns.limit_l_min                                    ? 
_reflns.number_all                                     ? 
_reflns.number_obs                                     2451 
_reflns.observed_criterion                             ? 
_reflns.observed_criterion_F_max                       ? 
_reflns.observed_criterion_F_min                       ? 
_reflns.observed_criterion_I_max                       ? 
_reflns.observed_criterion_I_min                       ? 
_reflns.observed_criterion_sigma_F                     ? 
_reflns.observed_criterion_sigma_I                     ? 
_reflns.percent_possible_obs                           86 
_reflns.R_free_details                                 ? 
_reflns.Rmerge_F_all                                   ? 
_reflns.Rmerge_F_obs                                   ? 
_reflns.Friedel_coverage                               ? 
_reflns.number_gt                                      ? 
_reflns.threshold_expression                           ? 
_reflns.pdbx_redundancy                                5.4 
_reflns.pdbx_Rmerge_I_obs                              0.057 
_reflns.pdbx_Rmerge_I_all                              ? 
_reflns.pdbx_Rsym_value                                ? 
_reflns.pdbx_netI_over_av_sigmaI                       ? 
_reflns.pdbx_netI_over_sigmaI                          33 
_reflns.pdbx_res_netI_over_av_sigmaI_2                 ? 
_reflns.pdbx_res_netI_over_sigmaI_2                    ? 
_reflns.pdbx_chi_squared                               ? 
_reflns.pdbx_scaling_rejects                           ? 
_reflns.pdbx_d_res_high_opt                            ? 
_reflns.pdbx_d_res_low_opt                             ? 
_reflns.pdbx_d_res_opt_method                          ? 
_reflns.phase_calculation_details                      ? 
_reflns.pdbx_Rrim_I_all                                0.064 
_reflns.pdbx_Rpim_I_all                                ? 
_reflns.pdbx_d_opt                                     ? 
_reflns.pdbx_number_measured_all                       ? 
_reflns.pdbx_diffrn_id                                 1 
_reflns.pdbx_ordinal                                   1 
_reflns.pdbx_CC_half                                   0.988 
_reflns.pdbx_CC_star                                   ? 
_reflns.pdbx_R_split                                   ? 
_reflns.pdbx_aniso_diffraction_limit_axis_1_ortho[1]   ? 
_reflns.pdbx_aniso_diffraction_limit_axis_1_ortho[2]   ? 
_reflns.pdbx_aniso_diffraction_limit_axis_1_ortho[3]   ? 
_reflns.pdbx_aniso_diffraction_limit_axis_2_ortho[1]   ? 
_reflns.pdbx_aniso_diffraction_limit_axis_2_ortho[2]   ? 
_reflns.pdbx_aniso_diffraction_limit_axis_2_ortho[3]   ? 
_reflns.pdbx_aniso_diffraction_limit_axis_3_ortho[1]   ? 
_reflns.pdbx_aniso_diffraction_limit_axis_3_ortho[2]   ? 
_reflns.pdbx_aniso_diffraction_limit_axis_3_ortho[3]   ? 
_reflns.pdbx_aniso_diffraction_limit_1                 ? 
_reflns.pdbx_aniso_diffraction_limit_2                 ? 
_reflns.pdbx_aniso_diffraction_limit_3                 ? 
_reflns.pdbx_aniso_B_tensor_eigenvector_1_ortho[1]     ? 
_reflns.pdbx_aniso_B_tensor_eigenvector_1_ortho[2]     ? 
_reflns.pdbx_aniso_B_tensor_eigenvector_1_ortho[3]     ? 
_reflns.pdbx_aniso_B_tensor_eigenvector_2_ortho[1]     ? 
_reflns.pdbx_aniso_B_tensor_eigenvector_2_ortho[2]     ? 
_reflns.pdbx_aniso_B_tensor_eigenvector_2_ortho[3]     ? 
_reflns.pdbx_aniso_B_tensor_eigenvector_3_ortho[1]     ? 
_reflns.pdbx_aniso_B_tensor_eigenvector_3_ortho[2]     ? 
_reflns.pdbx_aniso_B_tensor_eigenvector_3_ortho[3]     ? 
_reflns.pdbx_aniso_B_tensor_eigenvalue_1               ? 
_reflns.pdbx_aniso_B_tensor_eigenvalue_2               ? 
_reflns.pdbx_aniso_B_tensor_eigenvalue_3               ? 
_reflns.pdbx_orthogonalization_convention              ? 
_reflns.pdbx_percent_possible_ellipsoidal              ? 
_reflns.pdbx_percent_possible_spherical                ? 
_reflns.pdbx_percent_possible_ellipsoidal_anomalous    ? 
_reflns.pdbx_percent_possible_spherical_anomalous      ? 
_reflns.pdbx_redundancy_anomalous                      ? 
_reflns.pdbx_CC_half_anomalous                         ? 
_reflns.pdbx_absDiff_over_sigma_anomalous              ? 
_reflns.pdbx_percent_possible_anomalous                ? 
_reflns.pdbx_observed_signal_threshold                 ? 
_reflns.pdbx_signal_type                               ? 
_reflns.pdbx_signal_details                            ? 
_reflns.pdbx_signal_software_id                        ? 
# 
_reflns_shell.d_res_high                                    1.81 
_reflns_shell.d_res_low                                     1.875 
_reflns_shell.meanI_over_sigI_all                           ? 
_reflns_shell.meanI_over_sigI_obs                           ? 
_reflns_shell.number_measured_all                           ? 
_reflns_shell.number_measured_obs                           ? 
_reflns_shell.number_possible                               ? 
_reflns_shell.number_unique_all                             ? 
_reflns_shell.number_unique_obs                             91 
_reflns_shell.percent_possible_all                          15.6 
_reflns_shell.percent_possible_obs                          ? 
_reflns_shell.Rmerge_F_all                                  ? 
_reflns_shell.Rmerge_F_obs                                  ? 
_reflns_shell.Rmerge_I_all                                  ? 
_reflns_shell.Rmerge_I_obs                                  ? 
_reflns_shell.meanI_over_sigI_gt                            ? 
_reflns_shell.meanI_over_uI_all                             ? 
_reflns_shell.meanI_over_uI_gt                              ? 
_reflns_shell.number_measured_gt                            ? 
_reflns_shell.number_unique_gt                              ? 
_reflns_shell.percent_possible_gt                           ? 
_reflns_shell.Rmerge_F_gt                                   ? 
_reflns_shell.Rmerge_I_gt                                   ? 
_reflns_shell.pdbx_redundancy                               ? 
_reflns_shell.pdbx_Rsym_value                               ? 
_reflns_shell.pdbx_chi_squared                              ? 
_reflns_shell.pdbx_netI_over_sigmaI_all                     ? 
_reflns_shell.pdbx_netI_over_sigmaI_obs                     ? 
_reflns_shell.pdbx_Rrim_I_all                               ? 
_reflns_shell.pdbx_Rpim_I_all                               ? 
_reflns_shell.pdbx_rejects                                  ? 
_reflns_shell.pdbx_ordinal                                  1 
_reflns_shell.pdbx_diffrn_id                                1 
_reflns_shell.pdbx_CC_half                                  0.95 
_reflns_shell.pdbx_CC_star                                  ? 
_reflns_shell.pdbx_R_split                                  ? 
_reflns_shell.pdbx_percent_possible_ellipsoidal             ? 
_reflns_shell.pdbx_percent_possible_spherical               ? 
_reflns_shell.pdbx_percent_possible_ellipsoidal_anomalous   ? 
_reflns_shell.pdbx_percent_possible_spherical_anomalous     ? 
_reflns_shell.pdbx_redundancy_anomalous                     ? 
_reflns_shell.pdbx_CC_half_anomalous                        ? 
_reflns_shell.pdbx_absDiff_over_sigma_anomalous             ? 
_reflns_shell.pdbx_percent_possible_anomalous               ? 
# 
_refine.aniso_B[1][1]                            -0.6400 
_refine.aniso_B[1][2]                            0.0000 
_refine.aniso_B[1][3]                            0.0000 
_refine.aniso_B[2][2]                            0.9000 
_refine.aniso_B[2][3]                            0.0000 
_refine.aniso_B[3][3]                            -0.2700 
_refine.B_iso_max                                34.080 
_refine.B_iso_mean                               13.5140 
_refine.B_iso_min                                7.240 
_refine.correlation_coeff_Fo_to_Fc               0.9510 
_refine.correlation_coeff_Fo_to_Fc_free          0.9160 
_refine.details                                  
'HYDROGENS HAVE BEEN ADDED IN THE RIDING POSITIONS U VALUES      : REFINED INDIVIDUALLY' 
_refine.diff_density_max                         ? 
_refine.diff_density_max_esd                     ? 
_refine.diff_density_min                         ? 
_refine.diff_density_min_esd                     ? 
_refine.diff_density_rms                         ? 
_refine.diff_density_rms_esd                     ? 
_refine.entry_id                                 7SOH 
_refine.pdbx_refine_id                           'X-RAY DIFFRACTION' 
_refine.ls_abs_structure_details                 ? 
_refine.ls_abs_structure_Flack                   ? 
_refine.ls_abs_structure_Flack_esd               ? 
_refine.ls_abs_structure_Rogers                  ? 
_refine.ls_abs_structure_Rogers_esd              ? 
_refine.ls_d_res_high                            1.8100 
_refine.ls_d_res_low                             23.8700 
_refine.ls_extinction_coef                       ? 
_refine.ls_extinction_coef_esd                   ? 
_refine.ls_extinction_expression                 ? 
_refine.ls_extinction_method                     ? 
_refine.ls_goodness_of_fit_all                   ? 
_refine.ls_goodness_of_fit_all_esd               ? 
_refine.ls_goodness_of_fit_obs                   ? 
_refine.ls_goodness_of_fit_obs_esd               ? 
_refine.ls_hydrogen_treatment                    ? 
_refine.ls_matrix_type                           ? 
_refine.ls_number_constraints                    ? 
_refine.ls_number_parameters                     ? 
_refine.ls_number_reflns_all                     ? 
_refine.ls_number_reflns_obs                     2339 
_refine.ls_number_reflns_R_free                  114 
_refine.ls_number_reflns_R_work                  ? 
_refine.ls_number_restraints                     ? 
_refine.ls_percent_reflns_obs                    85.6800 
_refine.ls_percent_reflns_R_free                 4.6000 
_refine.ls_R_factor_all                          ? 
_refine.ls_R_factor_obs                          0.1750 
_refine.ls_R_factor_R_free                       0.2120 
_refine.ls_R_factor_R_free_error                 ? 
_refine.ls_R_factor_R_free_error_details         ? 
_refine.ls_R_factor_R_work                       0.1734 
_refine.ls_R_Fsqd_factor_obs                     ? 
_refine.ls_R_I_factor_obs                        ? 
_refine.ls_redundancy_reflns_all                 ? 
_refine.ls_redundancy_reflns_obs                 ? 
_refine.ls_restrained_S_all                      ? 
_refine.ls_restrained_S_obs                      ? 
_refine.ls_shift_over_esd_max                    ? 
_refine.ls_shift_over_esd_mean                   ? 
_refine.ls_structure_factor_coef                 ? 
_refine.ls_weighting_details                     ? 
_refine.ls_weighting_scheme                      ? 
_refine.ls_wR_factor_all                         ? 
_refine.ls_wR_factor_obs                         ? 
_refine.ls_wR_factor_R_free                      ? 
_refine.ls_wR_factor_R_work                      ? 
_refine.occupancy_max                            ? 
_refine.occupancy_min                            ? 
_refine.solvent_model_details                    MASK 
_refine.solvent_model_param_bsol                 ? 
_refine.solvent_model_param_ksol                 ? 
_refine.pdbx_R_complete                          ? 
_refine.ls_R_factor_gt                           ? 
_refine.ls_goodness_of_fit_gt                    ? 
_refine.ls_goodness_of_fit_ref                   ? 
_refine.ls_shift_over_su_max                     ? 
_refine.ls_shift_over_su_max_lt                  ? 
_refine.ls_shift_over_su_mean                    ? 
_refine.ls_shift_over_su_mean_lt                 ? 
_refine.pdbx_ls_sigma_I                          ? 
_refine.pdbx_ls_sigma_F                          0.000 
_refine.pdbx_ls_sigma_Fsqd                       ? 
_refine.pdbx_data_cutoff_high_absF               ? 
_refine.pdbx_data_cutoff_high_rms_absF           ? 
_refine.pdbx_data_cutoff_low_absF                ? 
_refine.pdbx_isotropic_thermal_model             ? 
_refine.pdbx_ls_cross_valid_method               THROUGHOUT 
_refine.pdbx_method_to_determine_struct          'MOLECULAR REPLACEMENT' 
_refine.pdbx_starting_model                      6ATW 
_refine.pdbx_stereochemistry_target_values       'MAXIMUM LIKELIHOOD' 
_refine.pdbx_R_Free_selection_details            RANDOM 
_refine.pdbx_stereochem_target_val_spec_case     ? 
_refine.pdbx_overall_ESU_R                       0.1670 
_refine.pdbx_overall_ESU_R_Free                  0.1440 
_refine.pdbx_solvent_vdw_probe_radii             1.2000 
_refine.pdbx_solvent_ion_probe_radii             0.8000 
_refine.pdbx_solvent_shrinkage_radii             0.8000 
_refine.pdbx_real_space_R                        ? 
_refine.pdbx_density_correlation                 ? 
_refine.pdbx_pd_number_of_powder_patterns        ? 
_refine.pdbx_pd_number_of_points                 ? 
_refine.pdbx_pd_meas_number_of_points            ? 
_refine.pdbx_pd_proc_ls_prof_R_factor            ? 
_refine.pdbx_pd_proc_ls_prof_wR_factor           ? 
_refine.pdbx_pd_Marquardt_correlation_coeff      ? 
_refine.pdbx_pd_Fsqrd_R_factor                   ? 
_refine.pdbx_pd_ls_matrix_band_width             ? 
_refine.pdbx_overall_phase_error                 ? 
_refine.pdbx_overall_SU_R_free_Cruickshank_DPI   ? 
_refine.pdbx_overall_SU_R_free_Blow_DPI          ? 
_refine.pdbx_overall_SU_R_Blow_DPI               ? 
_refine.pdbx_TLS_residual_ADP_flag               ? 
_refine.pdbx_diffrn_id                           1 
_refine.overall_SU_B                             3.1720 
_refine.overall_SU_ML                            0.0900 
_refine.overall_SU_R_Cruickshank_DPI             ? 
_refine.overall_SU_R_free                        ? 
_refine.overall_FOM_free_R_set                   ? 
_refine.overall_FOM_work_R_set                   ? 
_refine.pdbx_average_fsc_overall                 ? 
_refine.pdbx_average_fsc_work                    ? 
_refine.pdbx_average_fsc_free                    ? 
# 
_refine_hist.pdbx_refine_id                   'X-RAY DIFFRACTION' 
_refine_hist.cycle_id                         final 
_refine_hist.details                          ? 
_refine_hist.d_res_high                       1.8100 
_refine_hist.d_res_low                        23.8700 
_refine_hist.number_atoms_solvent             15 
_refine_hist.number_atoms_total               291 
_refine_hist.number_reflns_all                ? 
_refine_hist.number_reflns_obs                ? 
_refine_hist.number_reflns_R_free             ? 
_refine_hist.number_reflns_R_work             ? 
_refine_hist.R_factor_all                     ? 
_refine_hist.R_factor_obs                     ? 
_refine_hist.R_factor_R_free                  ? 
_refine_hist.R_factor_R_work                  ? 
_refine_hist.pdbx_number_residues_total       38 
_refine_hist.pdbx_B_iso_mean_ligand           ? 
_refine_hist.pdbx_B_iso_mean_solvent          14.63 
_refine_hist.pdbx_number_atoms_protein        276 
_refine_hist.pdbx_number_atoms_nucleic_acid   0 
_refine_hist.pdbx_number_atoms_ligand         0 
_refine_hist.pdbx_number_atoms_lipid          ? 
_refine_hist.pdbx_number_atoms_carb           ? 
_refine_hist.pdbx_pseudo_atom_details         ? 
# 
loop_
_refine_ls_restr.pdbx_refine_id 
_refine_ls_restr.criterion 
_refine_ls_restr.dev_ideal 
_refine_ls_restr.dev_ideal_target 
_refine_ls_restr.number 
_refine_ls_restr.rejects 
_refine_ls_restr.type 
_refine_ls_restr.weight 
_refine_ls_restr.pdbx_restraint_function 
'X-RAY DIFFRACTION' ? 0.018  0.019  284 ? r_bond_refined_d       ? ? 
'X-RAY DIFFRACTION' ? 0.008  0.020  242 ? r_bond_other_d         ? ? 
'X-RAY DIFFRACTION' ? 1.855  1.965  380 ? r_angle_refined_deg    ? ? 
'X-RAY DIFFRACTION' ? 1.166  3.000  560 ? r_angle_other_deg      ? ? 
'X-RAY DIFFRACTION' ? 7.129  5.000  37  ? r_dihedral_angle_1_deg ? ? 
'X-RAY DIFFRACTION' ? 29.110 20.833 12  ? r_dihedral_angle_2_deg ? ? 
'X-RAY DIFFRACTION' ? 14.708 15.000 47  ? r_dihedral_angle_3_deg ? ? 
'X-RAY DIFFRACTION' ? 27.127 15.000 4   ? r_dihedral_angle_4_deg ? ? 
'X-RAY DIFFRACTION' ? 0.118  0.200  35  ? r_chiral_restr         ? ? 
'X-RAY DIFFRACTION' ? 0.006  0.021  330 ? r_gen_planes_refined   ? ? 
'X-RAY DIFFRACTION' ? 0.001  0.020  68  ? r_gen_planes_other     ? ? 
# 
_refine_ls_shell.pdbx_refine_id                   'X-RAY DIFFRACTION' 
_refine_ls_shell.d_res_high                       1.81 
_refine_ls_shell.d_res_low                        1.8530 
_refine_ls_shell.number_reflns_all                ? 
_refine_ls_shell.number_reflns_obs                ? 
_refine_ls_shell.number_reflns_R_free             3 
_refine_ls_shell.number_reflns_R_work             44 
_refine_ls_shell.percent_reflns_obs               22.3800 
_refine_ls_shell.percent_reflns_R_free            ? 
_refine_ls_shell.R_factor_all                     ? 
_refine_ls_shell.R_factor_obs                     ? 
_refine_ls_shell.R_factor_R_free                  0.3400 
_refine_ls_shell.R_factor_R_free_error            0.0000 
_refine_ls_shell.R_factor_R_work                  0.2350 
_refine_ls_shell.redundancy_reflns_all            ? 
_refine_ls_shell.redundancy_reflns_obs            ? 
_refine_ls_shell.wR_factor_all                    ? 
_refine_ls_shell.wR_factor_obs                    ? 
_refine_ls_shell.wR_factor_R_free                 ? 
_refine_ls_shell.wR_factor_R_work                 ? 
_refine_ls_shell.pdbx_R_complete                  ? 
_refine_ls_shell.pdbx_total_number_of_bins_used   ? 
_refine_ls_shell.pdbx_phase_error                 ? 
_refine_ls_shell.pdbx_fsc_work                    ? 
_refine_ls_shell.pdbx_fsc_free                    ? 
# 
_struct.entry_id                     7SOH 
_struct.title                        'Exploring Cystine Dense Peptide Space to Open a Unique Molecular Toolbox' 
_struct.pdbx_model_details           ? 
_struct.pdbx_formula_weight          ? 
_struct.pdbx_formula_weight_method   ? 
_struct.pdbx_model_type_details      ? 
_struct.pdbx_CASP_flag               N 
# 
_struct_keywords.entry_id        7SOH 
_struct_keywords.text            'CDP, Chlorotoxin, TOXIN' 
_struct_keywords.pdbx_keywords   TOXIN 
# 
loop_
_struct_asym.id 
_struct_asym.pdbx_blank_PDB_chainid_flag 
_struct_asym.pdbx_modified 
_struct_asym.entity_id 
_struct_asym.details 
A N N 1 ? 
B N N 2 ? 
# 
_struct_ref.id                         1 
_struct_ref.db_name                    UNP 
_struct_ref.db_code                    CTXL_LEIQU 
_struct_ref.pdbx_db_accession          P45639 
_struct_ref.pdbx_db_isoform            ? 
_struct_ref.entity_id                  1 
_struct_ref.pdbx_seq_one_letter_code   MCMPCFTTDHQMARKCDDCCGGKGRGKCYGPQCLCR 
_struct_ref.pdbx_align_begin           1 
# 
_struct_ref_seq.align_id                      1 
_struct_ref_seq.ref_id                        1 
_struct_ref_seq.pdbx_PDB_id_code              7SOH 
_struct_ref_seq.pdbx_strand_id                A 
_struct_ref_seq.seq_align_beg                 3 
_struct_ref_seq.pdbx_seq_align_beg_ins_code   ? 
_struct_ref_seq.seq_align_end                 38 
_struct_ref_seq.pdbx_seq_align_end_ins_code   ? 
_struct_ref_seq.pdbx_db_accession             P45639 
_struct_ref_seq.db_align_beg                  1 
_struct_ref_seq.pdbx_db_align_beg_ins_code    ? 
_struct_ref_seq.db_align_end                  36 
_struct_ref_seq.pdbx_db_align_end_ins_code    ? 
_struct_ref_seq.pdbx_auth_seq_align_beg       1 
_struct_ref_seq.pdbx_auth_seq_align_end       36 
# 
loop_
_struct_ref_seq_dif.align_id 
_struct_ref_seq_dif.pdbx_pdb_id_code 
_struct_ref_seq_dif.mon_id 
_struct_ref_seq_dif.pdbx_pdb_strand_id 
_struct_ref_seq_dif.seq_num 
_struct_ref_seq_dif.pdbx_pdb_ins_code 
_struct_ref_seq_dif.pdbx_seq_db_name 
_struct_ref_seq_dif.pdbx_seq_db_accession_code 
_struct_ref_seq_dif.db_mon_id 
_struct_ref_seq_dif.pdbx_seq_db_seq_num 
_struct_ref_seq_dif.details 
_struct_ref_seq_dif.pdbx_auth_seq_num 
_struct_ref_seq_dif.pdbx_ordinal 
1 7SOH GLY A 1  ? UNP P45639 ?   ?  'expression tag'      -1 1 
1 7SOH SER A 2  ? UNP P45639 ?   ?  'expression tag'      0  2 
1 7SOH ARG A 17 ? UNP P45639 LYS 15 'engineered mutation' 15 3 
1 7SOH ARG A 25 ? UNP P45639 LYS 23 'engineered mutation' 23 4 
1 7SOH ARG A 29 ? UNP P45639 LYS 27 'engineered mutation' 27 5 
# 
_pdbx_struct_assembly.id                   1 
_pdbx_struct_assembly.details              author_and_software_defined_assembly 
_pdbx_struct_assembly.method_details       PISA 
_pdbx_struct_assembly.oligomeric_details   monomeric 
_pdbx_struct_assembly.oligomeric_count     1 
# 
_pdbx_struct_assembly_gen.assembly_id       1 
_pdbx_struct_assembly_gen.oper_expression   1 
_pdbx_struct_assembly_gen.asym_id_list      A,B 
# 
_pdbx_struct_assembly_auth_evidence.id                     1 
_pdbx_struct_assembly_auth_evidence.assembly_id            1 
_pdbx_struct_assembly_auth_evidence.experimental_support   'gel filtration' 
_pdbx_struct_assembly_auth_evidence.details                ? 
# 
_pdbx_struct_oper_list.id                   1 
_pdbx_struct_oper_list.type                 'identity operation' 
_pdbx_struct_oper_list.name                 1_555 
_pdbx_struct_oper_list.symmetry_operation   x,y,z 
_pdbx_struct_oper_list.matrix[1][1]         1.0000000000 
_pdbx_struct_oper_list.matrix[1][2]         0.0000000000 
_pdbx_struct_oper_list.matrix[1][3]         0.0000000000 
_pdbx_struct_oper_list.vector[1]            0.0000000000 
_pdbx_struct_oper_list.matrix[2][1]         0.0000000000 
_pdbx_struct_oper_list.matrix[2][2]         1.0000000000 
_pdbx_struct_oper_list.matrix[2][3]         0.0000000000 
_pdbx_struct_oper_list.vector[2]            0.0000000000 
_pdbx_struct_oper_list.matrix[3][1]         0.0000000000 
_pdbx_struct_oper_list.matrix[3][2]         0.0000000000 
_pdbx_struct_oper_list.matrix[3][3]         1.0000000000 
_pdbx_struct_oper_list.vector[3]            0.0000000000 
# 
_struct_conf.conf_type_id            HELX_P 
_struct_conf.id                      HELX_P1 
_struct_conf.pdbx_PDB_helix_id       AA1 
_struct_conf.beg_label_comp_id       GLN 
_struct_conf.beg_label_asym_id       A 
_struct_conf.beg_label_seq_id        13 
_struct_conf.pdbx_beg_PDB_ins_code   ? 
_struct_conf.end_label_comp_id       GLY 
_struct_conf.end_label_asym_id       A 
_struct_conf.end_label_seq_id        23 
_struct_conf.pdbx_end_PDB_ins_code   ? 
_struct_conf.beg_auth_comp_id        GLN 
_struct_conf.beg_auth_asym_id        A 
_struct_conf.beg_auth_seq_id         11 
_struct_conf.end_auth_comp_id        GLY 
_struct_conf.end_auth_asym_id        A 
_struct_conf.end_auth_seq_id         21 
_struct_conf.pdbx_PDB_helix_class    1 
_struct_conf.details                 ? 
_struct_conf.pdbx_PDB_helix_length   11 
# 
_struct_conf_type.id          HELX_P 
_struct_conf_type.criteria    ? 
_struct_conf_type.reference   ? 
# 
loop_
_struct_conn.id 
_struct_conn.conn_type_id 
_struct_conn.pdbx_leaving_atom_flag 
_struct_conn.pdbx_PDB_id 
_struct_conn.ptnr1_label_asym_id 
_struct_conn.ptnr1_label_comp_id 
_struct_conn.ptnr1_label_seq_id 
_struct_conn.ptnr1_label_atom_id 
_struct_conn.pdbx_ptnr1_label_alt_id 
_struct_conn.pdbx_ptnr1_PDB_ins_code 
_struct_conn.pdbx_ptnr1_standard_comp_id 
_struct_conn.ptnr1_symmetry 
_struct_conn.ptnr2_label_asym_id 
_struct_conn.ptnr2_label_comp_id 
_struct_conn.ptnr2_label_seq_id 
_struct_conn.ptnr2_label_atom_id 
_struct_conn.pdbx_ptnr2_label_alt_id 
_struct_conn.pdbx_ptnr2_PDB_ins_code 
_struct_conn.ptnr1_auth_asym_id 
_struct_conn.ptnr1_auth_comp_id 
_struct_conn.ptnr1_auth_seq_id 
_struct_conn.ptnr2_auth_asym_id 
_struct_conn.ptnr2_auth_comp_id 
_struct_conn.ptnr2_auth_seq_id 
_struct_conn.ptnr2_symmetry 
_struct_conn.pdbx_ptnr3_label_atom_id 
_struct_conn.pdbx_ptnr3_label_seq_id 
_struct_conn.pdbx_ptnr3_label_comp_id 
_struct_conn.pdbx_ptnr3_label_asym_id 
_struct_conn.pdbx_ptnr3_label_alt_id 
_struct_conn.pdbx_ptnr3_PDB_ins_code 
_struct_conn.details 
_struct_conn.pdbx_dist_value 
_struct_conn.pdbx_value_order 
_struct_conn.pdbx_role 
disulf1 disulf ? ? A CYS 4  SG ? ? ? 1_555 A CYS 21 SG ? ? A CYS 2  A CYS 19 1_555 ? ? ? ? ? ? ? 1.989 ? ? 
disulf2 disulf ? ? A CYS 7  SG ? ? ? 1_555 A CYS 30 SG ? ? A CYS 5  A CYS 28 1_555 ? ? ? ? ? ? ? 2.021 ? ? 
disulf3 disulf ? ? A CYS 18 SG ? ? ? 1_555 A CYS 35 SG ? ? A CYS 16 A CYS 33 1_555 ? ? ? ? ? ? ? 2.061 ? ? 
disulf4 disulf ? ? A CYS 22 SG ? ? ? 1_555 A CYS 37 SG ? ? A CYS 20 A CYS 35 1_555 ? ? ? ? ? ? ? 2.060 ? ? 
# 
_struct_conn_type.id          disulf 
_struct_conn_type.criteria    ? 
_struct_conn_type.reference   ? 
# 
loop_
_pdbx_modification_feature.ordinal 
_pdbx_modification_feature.label_comp_id 
_pdbx_modification_feature.label_asym_id 
_pdbx_modification_feature.label_seq_id 
_pdbx_modification_feature.label_alt_id 
_pdbx_modification_feature.modified_residue_label_comp_id 
_pdbx_modification_feature.modified_residue_label_asym_id 
_pdbx_modification_feature.modified_residue_label_seq_id 
_pdbx_modification_feature.modified_residue_label_alt_id 
_pdbx_modification_feature.auth_comp_id 
_pdbx_modification_feature.auth_asym_id 
_pdbx_modification_feature.auth_seq_id 
_pdbx_modification_feature.PDB_ins_code 
_pdbx_modification_feature.symmetry 
_pdbx_modification_feature.modified_residue_auth_comp_id 
_pdbx_modification_feature.modified_residue_auth_asym_id 
_pdbx_modification_feature.modified_residue_auth_seq_id 
_pdbx_modification_feature.modified_residue_PDB_ins_code 
_pdbx_modification_feature.modified_residue_symmetry 
_pdbx_modification_feature.comp_id_linking_atom 
_pdbx_modification_feature.modified_residue_id_linking_atom 
_pdbx_modification_feature.modified_residue_id 
_pdbx_modification_feature.ref_pcm_id 
_pdbx_modification_feature.ref_comp_id 
_pdbx_modification_feature.type 
_pdbx_modification_feature.category 
1 CYS A 4  ? CYS A 21 ? CYS A 2  ? 1_555 CYS A 19 ? 1_555 SG SG . . . None 'Disulfide bridge' 
2 CYS A 7  ? CYS A 30 ? CYS A 5  ? 1_555 CYS A 28 ? 1_555 SG SG . . . None 'Disulfide bridge' 
3 CYS A 18 ? CYS A 35 ? CYS A 16 ? 1_555 CYS A 33 ? 1_555 SG SG . . . None 'Disulfide bridge' 
4 CYS A 22 ? CYS A 37 ? CYS A 20 ? 1_555 CYS A 35 ? 1_555 SG SG . . . None 'Disulfide bridge' 
# 
_struct_sheet.id               AA1 
_struct_sheet.type             ? 
_struct_sheet.number_strands   3 
_struct_sheet.details          ? 
# 
loop_
_struct_sheet_order.sheet_id 
_struct_sheet_order.range_id_1 
_struct_sheet_order.range_id_2 
_struct_sheet_order.offset 
_struct_sheet_order.sense 
AA1 1 2 ? anti-parallel 
AA1 2 3 ? anti-parallel 
# 
loop_
_struct_sheet_range.sheet_id 
_struct_sheet_range.id 
_struct_sheet_range.beg_label_comp_id 
_struct_sheet_range.beg_label_asym_id 
_struct_sheet_range.beg_label_seq_id 
_struct_sheet_range.pdbx_beg_PDB_ins_code 
_struct_sheet_range.end_label_comp_id 
_struct_sheet_range.end_label_asym_id 
_struct_sheet_range.end_label_seq_id 
_struct_sheet_range.pdbx_end_PDB_ins_code 
_struct_sheet_range.beg_auth_comp_id 
_struct_sheet_range.beg_auth_asym_id 
_struct_sheet_range.beg_auth_seq_id 
_struct_sheet_range.end_auth_comp_id 
_struct_sheet_range.end_auth_asym_id 
_struct_sheet_range.end_auth_seq_id 
AA1 1 MET A 5  ? PRO A 6  ? MET A 3  PRO A 4  
AA1 2 GLN A 34 ? CYS A 37 ? GLN A 32 CYS A 35 
AA1 3 GLY A 28 ? TYR A 31 ? GLY A 26 TYR A 29 
# 
loop_
_pdbx_struct_sheet_hbond.sheet_id 
_pdbx_struct_sheet_hbond.range_id_1 
_pdbx_struct_sheet_hbond.range_id_2 
_pdbx_struct_sheet_hbond.range_1_label_atom_id 
_pdbx_struct_sheet_hbond.range_1_label_comp_id 
_pdbx_struct_sheet_hbond.range_1_label_asym_id 
_pdbx_struct_sheet_hbond.range_1_label_seq_id 
_pdbx_struct_sheet_hbond.range_1_PDB_ins_code 
_pdbx_struct_sheet_hbond.range_1_auth_atom_id 
_pdbx_struct_sheet_hbond.range_1_auth_comp_id 
_pdbx_struct_sheet_hbond.range_1_auth_asym_id 
_pdbx_struct_sheet_hbond.range_1_auth_seq_id 
_pdbx_struct_sheet_hbond.range_2_label_atom_id 
_pdbx_struct_sheet_hbond.range_2_label_comp_id 
_pdbx_struct_sheet_hbond.range_2_label_asym_id 
_pdbx_struct_sheet_hbond.range_2_label_seq_id 
_pdbx_struct_sheet_hbond.range_2_PDB_ins_code 
_pdbx_struct_sheet_hbond.range_2_auth_atom_id 
_pdbx_struct_sheet_hbond.range_2_auth_comp_id 
_pdbx_struct_sheet_hbond.range_2_auth_asym_id 
_pdbx_struct_sheet_hbond.range_2_auth_seq_id 
AA1 1 2 N MET A 5  ? N MET A 3  O CYS A 35 ? O CYS A 33 
AA1 2 3 O LEU A 36 ? O LEU A 34 N ARG A 29 ? N ARG A 27 
# 
_pdbx_entry_details.entry_id                   7SOH 
_pdbx_entry_details.compound_details           ? 
_pdbx_entry_details.source_details             ? 
_pdbx_entry_details.nonpolymer_details         ? 
_pdbx_entry_details.sequence_details           ? 
_pdbx_entry_details.has_ligand_of_interest     ? 
_pdbx_entry_details.has_protein_modification   Y 
# 
_phasing.method   MR 
# 
loop_
_chem_comp_atom.comp_id 
_chem_comp_atom.atom_id 
_chem_comp_atom.type_symbol 
_chem_comp_atom.pdbx_aromatic_flag 
_chem_comp_atom.pdbx_stereo_config 
_chem_comp_atom.pdbx_ordinal 
ALA N    N N N 1   
ALA CA   C N S 2   
ALA C    C N N 3   
ALA O    O N N 4   
ALA CB   C N N 5   
ALA OXT  O N N 6   
ALA H    H N N 7   
ALA H2   H N N 8   
ALA HA   H N N 9   
ALA HB1  H N N 10  
ALA HB2  H N N 11  
ALA HB3  H N N 12  
ALA HXT  H N N 13  
ARG N    N N N 14  
ARG CA   C N S 15  
ARG C    C N N 16  
ARG O    O N N 17  
ARG CB   C N N 18  
ARG CG   C N N 19  
ARG CD   C N N 20  
ARG NE   N N N 21  
ARG CZ   C N N 22  
ARG NH1  N N N 23  
ARG NH2  N N N 24  
ARG OXT  O N N 25  
ARG H    H N N 26  
ARG H2   H N N 27  
ARG HA   H N N 28  
ARG HB2  H N N 29  
ARG HB3  H N N 30  
ARG HG2  H N N 31  
ARG HG3  H N N 32  
ARG HD2  H N N 33  
ARG HD3  H N N 34  
ARG HE   H N N 35  
ARG HH11 H N N 36  
ARG HH12 H N N 37  
ARG HH21 H N N 38  
ARG HH22 H N N 39  
ARG HXT  H N N 40  
ASP N    N N N 41  
ASP CA   C N S 42  
ASP C    C N N 43  
ASP O    O N N 44  
ASP CB   C N N 45  
ASP CG   C N N 46  
ASP OD1  O N N 47  
ASP OD2  O N N 48  
ASP OXT  O N N 49  
ASP H    H N N 50  
ASP H2   H N N 51  
ASP HA   H N N 52  
ASP HB2  H N N 53  
ASP HB3  H N N 54  
ASP HD2  H N N 55  
ASP HXT  H N N 56  
CYS N    N N N 57  
CYS CA   C N R 58  
CYS C    C N N 59  
CYS O    O N N 60  
CYS CB   C N N 61  
CYS SG   S N N 62  
CYS OXT  O N N 63  
CYS H    H N N 64  
CYS H2   H N N 65  
CYS HA   H N N 66  
CYS HB2  H N N 67  
CYS HB3  H N N 68  
CYS HG   H N N 69  
CYS HXT  H N N 70  
GLN N    N N N 71  
GLN CA   C N S 72  
GLN C    C N N 73  
GLN O    O N N 74  
GLN CB   C N N 75  
GLN CG   C N N 76  
GLN CD   C N N 77  
GLN OE1  O N N 78  
GLN NE2  N N N 79  
GLN OXT  O N N 80  
GLN H    H N N 81  
GLN H2   H N N 82  
GLN HA   H N N 83  
GLN HB2  H N N 84  
GLN HB3  H N N 85  
GLN HG2  H N N 86  
GLN HG3  H N N 87  
GLN HE21 H N N 88  
GLN HE22 H N N 89  
GLN HXT  H N N 90  
GLY N    N N N 91  
GLY CA   C N N 92  
GLY C    C N N 93  
GLY O    O N N 94  
GLY OXT  O N N 95  
GLY H    H N N 96  
GLY H2   H N N 97  
GLY HA2  H N N 98  
GLY HA3  H N N 99  
GLY HXT  H N N 100 
HIS N    N N N 101 
HIS CA   C N S 102 
HIS C    C N N 103 
HIS O    O N N 104 
HIS CB   C N N 105 
HIS CG   C Y N 106 
HIS ND1  N Y N 107 
HIS CD2  C Y N 108 
HIS CE1  C Y N 109 
HIS NE2  N Y N 110 
HIS OXT  O N N 111 
HIS H    H N N 112 
HIS H2   H N N 113 
HIS HA   H N N 114 
HIS HB2  H N N 115 
HIS HB3  H N N 116 
HIS HD1  H N N 117 
HIS HD2  H N N 118 
HIS HE1  H N N 119 
HIS HE2  H N N 120 
HIS HXT  H N N 121 
HOH O    O N N 122 
HOH H1   H N N 123 
HOH H2   H N N 124 
LEU N    N N N 125 
LEU CA   C N S 126 
LEU C    C N N 127 
LEU O    O N N 128 
LEU CB   C N N 129 
LEU CG   C N N 130 
LEU CD1  C N N 131 
LEU CD2  C N N 132 
LEU OXT  O N N 133 
LEU H    H N N 134 
LEU H2   H N N 135 
LEU HA   H N N 136 
LEU HB2  H N N 137 
LEU HB3  H N N 138 
LEU HG   H N N 139 
LEU HD11 H N N 140 
LEU HD12 H N N 141 
LEU HD13 H N N 142 
LEU HD21 H N N 143 
LEU HD22 H N N 144 
LEU HD23 H N N 145 
LEU HXT  H N N 146 
LYS N    N N N 147 
LYS CA   C N S 148 
LYS C    C N N 149 
LYS O    O N N 150 
LYS CB   C N N 151 
LYS CG   C N N 152 
LYS CD   C N N 153 
LYS CE   C N N 154 
LYS NZ   N N N 155 
LYS OXT  O N N 156 
LYS H    H N N 157 
LYS H2   H N N 158 
LYS HA   H N N 159 
LYS HB2  H N N 160 
LYS HB3  H N N 161 
LYS HG2  H N N 162 
LYS HG3  H N N 163 
LYS HD2  H N N 164 
LYS HD3  H N N 165 
LYS HE2  H N N 166 
LYS HE3  H N N 167 
LYS HZ1  H N N 168 
LYS HZ2  H N N 169 
LYS HZ3  H N N 170 
LYS HXT  H N N 171 
MET N    N N N 172 
MET CA   C N S 173 
MET C    C N N 174 
MET O    O N N 175 
MET CB   C N N 176 
MET CG   C N N 177 
MET SD   S N N 178 
MET CE   C N N 179 
MET OXT  O N N 180 
MET H    H N N 181 
MET H2   H N N 182 
MET HA   H N N 183 
MET HB2  H N N 184 
MET HB3  H N N 185 
MET HG2  H N N 186 
MET HG3  H N N 187 
MET HE1  H N N 188 
MET HE2  H N N 189 
MET HE3  H N N 190 
MET HXT  H N N 191 
PHE N    N N N 192 
PHE CA   C N S 193 
PHE C    C N N 194 
PHE O    O N N 195 
PHE CB   C N N 196 
PHE CG   C Y N 197 
PHE CD1  C Y N 198 
PHE CD2  C Y N 199 
PHE CE1  C Y N 200 
PHE CE2  C Y N 201 
PHE CZ   C Y N 202 
PHE OXT  O N N 203 
PHE H    H N N 204 
PHE H2   H N N 205 
PHE HA   H N N 206 
PHE HB2  H N N 207 
PHE HB3  H N N 208 
PHE HD1  H N N 209 
PHE HD2  H N N 210 
PHE HE1  H N N 211 
PHE HE2  H N N 212 
PHE HZ   H N N 213 
PHE HXT  H N N 214 
PRO N    N N N 215 
PRO CA   C N S 216 
PRO C    C N N 217 
PRO O    O N N 218 
PRO CB   C N N 219 
PRO CG   C N N 220 
PRO CD   C N N 221 
PRO OXT  O N N 222 
PRO H    H N N 223 
PRO HA   H N N 224 
PRO HB2  H N N 225 
PRO HB3  H N N 226 
PRO HG2  H N N 227 
PRO HG3  H N N 228 
PRO HD2  H N N 229 
PRO HD3  H N N 230 
PRO HXT  H N N 231 
SER N    N N N 232 
SER CA   C N S 233 
SER C    C N N 234 
SER O    O N N 235 
SER CB   C N N 236 
SER OG   O N N 237 
SER OXT  O N N 238 
SER H    H N N 239 
SER H2   H N N 240 
SER HA   H N N 241 
SER HB2  H N N 242 
SER HB3  H N N 243 
SER HG   H N N 244 
SER HXT  H N N 245 
THR N    N N N 246 
THR CA   C N S 247 
THR C    C N N 248 
THR O    O N N 249 
THR CB   C N R 250 
THR OG1  O N N 251 
THR CG2  C N N 252 
THR OXT  O N N 253 
THR H    H N N 254 
THR H2   H N N 255 
THR HA   H N N 256 
THR HB   H N N 257 
THR HG1  H N N 258 
THR HG21 H N N 259 
THR HG22 H N N 260 
THR HG23 H N N 261 
THR HXT  H N N 262 
TYR N    N N N 263 
TYR CA   C N S 264 
TYR C    C N N 265 
TYR O    O N N 266 
TYR CB   C N N 267 
TYR CG   C Y N 268 
TYR CD1  C Y N 269 
TYR CD2  C Y N 270 
TYR CE1  C Y N 271 
TYR CE2  C Y N 272 
TYR CZ   C Y N 273 
TYR OH   O N N 274 
TYR OXT  O N N 275 
TYR H    H N N 276 
TYR H2   H N N 277 
TYR HA   H N N 278 
TYR HB2  H N N 279 
TYR HB3  H N N 280 
TYR HD1  H N N 281 
TYR HD2  H N N 282 
TYR HE1  H N N 283 
TYR HE2  H N N 284 
TYR HH   H N N 285 
TYR HXT  H N N 286 
# 
loop_
_chem_comp_bond.comp_id 
_chem_comp_bond.atom_id_1 
_chem_comp_bond.atom_id_2 
_chem_comp_bond.value_order 
_chem_comp_bond.pdbx_aromatic_flag 
_chem_comp_bond.pdbx_stereo_config 
_chem_comp_bond.pdbx_ordinal 
ALA N   CA   sing N N 1   
ALA N   H    sing N N 2   
ALA N   H2   sing N N 3   
ALA CA  C    sing N N 4   
ALA CA  CB   sing N N 5   
ALA CA  HA   sing N N 6   
ALA C   O    doub N N 7   
ALA C   OXT  sing N N 8   
ALA CB  HB1  sing N N 9   
ALA CB  HB2  sing N N 10  
ALA CB  HB3  sing N N 11  
ALA OXT HXT  sing N N 12  
ARG N   CA   sing N N 13  
ARG N   H    sing N N 14  
ARG N   H2   sing N N 15  
ARG CA  C    sing N N 16  
ARG CA  CB   sing N N 17  
ARG CA  HA   sing N N 18  
ARG C   O    doub N N 19  
ARG C   OXT  sing N N 20  
ARG CB  CG   sing N N 21  
ARG CB  HB2  sing N N 22  
ARG CB  HB3  sing N N 23  
ARG CG  CD   sing N N 24  
ARG CG  HG2  sing N N 25  
ARG CG  HG3  sing N N 26  
ARG CD  NE   sing N N 27  
ARG CD  HD2  sing N N 28  
ARG CD  HD3  sing N N 29  
ARG NE  CZ   sing N N 30  
ARG NE  HE   sing N N 31  
ARG CZ  NH1  sing N N 32  
ARG CZ  NH2  doub N N 33  
ARG NH1 HH11 sing N N 34  
ARG NH1 HH12 sing N N 35  
ARG NH2 HH21 sing N N 36  
ARG NH2 HH22 sing N N 37  
ARG OXT HXT  sing N N 38  
ASP N   CA   sing N N 39  
ASP N   H    sing N N 40  
ASP N   H2   sing N N 41  
ASP CA  C    sing N N 42  
ASP CA  CB   sing N N 43  
ASP CA  HA   sing N N 44  
ASP C   O    doub N N 45  
ASP C   OXT  sing N N 46  
ASP CB  CG   sing N N 47  
ASP CB  HB2  sing N N 48  
ASP CB  HB3  sing N N 49  
ASP CG  OD1  doub N N 50  
ASP CG  OD2  sing N N 51  
ASP OD2 HD2  sing N N 52  
ASP OXT HXT  sing N N 53  
CYS N   CA   sing N N 54  
CYS N   H    sing N N 55  
CYS N   H2   sing N N 56  
CYS CA  C    sing N N 57  
CYS CA  CB   sing N N 58  
CYS CA  HA   sing N N 59  
CYS C   O    doub N N 60  
CYS C   OXT  sing N N 61  
CYS CB  SG   sing N N 62  
CYS CB  HB2  sing N N 63  
CYS CB  HB3  sing N N 64  
CYS SG  HG   sing N N 65  
CYS OXT HXT  sing N N 66  
GLN N   CA   sing N N 67  
GLN N   H    sing N N 68  
GLN N   H2   sing N N 69  
GLN CA  C    sing N N 70  
GLN CA  CB   sing N N 71  
GLN CA  HA   sing N N 72  
GLN C   O    doub N N 73  
GLN C   OXT  sing N N 74  
GLN CB  CG   sing N N 75  
GLN CB  HB2  sing N N 76  
GLN CB  HB3  sing N N 77  
GLN CG  CD   sing N N 78  
GLN CG  HG2  sing N N 79  
GLN CG  HG3  sing N N 80  
GLN CD  OE1  doub N N 81  
GLN CD  NE2  sing N N 82  
GLN NE2 HE21 sing N N 83  
GLN NE2 HE22 sing N N 84  
GLN OXT HXT  sing N N 85  
GLY N   CA   sing N N 86  
GLY N   H    sing N N 87  
GLY N   H2   sing N N 88  
GLY CA  C    sing N N 89  
GLY CA  HA2  sing N N 90  
GLY CA  HA3  sing N N 91  
GLY C   O    doub N N 92  
GLY C   OXT  sing N N 93  
GLY OXT HXT  sing N N 94  
HIS N   CA   sing N N 95  
HIS N   H    sing N N 96  
HIS N   H2   sing N N 97  
HIS CA  C    sing N N 98  
HIS CA  CB   sing N N 99  
HIS CA  HA   sing N N 100 
HIS C   O    doub N N 101 
HIS C   OXT  sing N N 102 
HIS CB  CG   sing N N 103 
HIS CB  HB2  sing N N 104 
HIS CB  HB3  sing N N 105 
HIS CG  ND1  sing Y N 106 
HIS CG  CD2  doub Y N 107 
HIS ND1 CE1  doub Y N 108 
HIS ND1 HD1  sing N N 109 
HIS CD2 NE2  sing Y N 110 
HIS CD2 HD2  sing N N 111 
HIS CE1 NE2  sing Y N 112 
HIS CE1 HE1  sing N N 113 
HIS NE2 HE2  sing N N 114 
HIS OXT HXT  sing N N 115 
HOH O   H1   sing N N 116 
HOH O   H2   sing N N 117 
LEU N   CA   sing N N 118 
LEU N   H    sing N N 119 
LEU N   H2   sing N N 120 
LEU CA  C    sing N N 121 
LEU CA  CB   sing N N 122 
LEU CA  HA   sing N N 123 
LEU C   O    doub N N 124 
LEU C   OXT  sing N N 125 
LEU CB  CG   sing N N 126 
LEU CB  HB2  sing N N 127 
LEU CB  HB3  sing N N 128 
LEU CG  CD1  sing N N 129 
LEU CG  CD2  sing N N 130 
LEU CG  HG   sing N N 131 
LEU CD1 HD11 sing N N 132 
LEU CD1 HD12 sing N N 133 
LEU CD1 HD13 sing N N 134 
LEU CD2 HD21 sing N N 135 
LEU CD2 HD22 sing N N 136 
LEU CD2 HD23 sing N N 137 
LEU OXT HXT  sing N N 138 
LYS N   CA   sing N N 139 
LYS N   H    sing N N 140 
LYS N   H2   sing N N 141 
LYS CA  C    sing N N 142 
LYS CA  CB   sing N N 143 
LYS CA  HA   sing N N 144 
LYS C   O    doub N N 145 
LYS C   OXT  sing N N 146 
LYS CB  CG   sing N N 147 
LYS CB  HB2  sing N N 148 
LYS CB  HB3  sing N N 149 
LYS CG  CD   sing N N 150 
LYS CG  HG2  sing N N 151 
LYS CG  HG3  sing N N 152 
LYS CD  CE   sing N N 153 
LYS CD  HD2  sing N N 154 
LYS CD  HD3  sing N N 155 
LYS CE  NZ   sing N N 156 
LYS CE  HE2  sing N N 157 
LYS CE  HE3  sing N N 158 
LYS NZ  HZ1  sing N N 159 
LYS NZ  HZ2  sing N N 160 
LYS NZ  HZ3  sing N N 161 
LYS OXT HXT  sing N N 162 
MET N   CA   sing N N 163 
MET N   H    sing N N 164 
MET N   H2   sing N N 165 
MET CA  C    sing N N 166 
MET CA  CB   sing N N 167 
MET CA  HA   sing N N 168 
MET C   O    doub N N 169 
MET C   OXT  sing N N 170 
MET CB  CG   sing N N 171 
MET CB  HB2  sing N N 172 
MET CB  HB3  sing N N 173 
MET CG  SD   sing N N 174 
MET CG  HG2  sing N N 175 
MET CG  HG3  sing N N 176 
MET SD  CE   sing N N 177 
MET CE  HE1  sing N N 178 
MET CE  HE2  sing N N 179 
MET CE  HE3  sing N N 180 
MET OXT HXT  sing N N 181 
PHE N   CA   sing N N 182 
PHE N   H    sing N N 183 
PHE N   H2   sing N N 184 
PHE CA  C    sing N N 185 
PHE CA  CB   sing N N 186 
PHE CA  HA   sing N N 187 
PHE C   O    doub N N 188 
PHE C   OXT  sing N N 189 
PHE CB  CG   sing N N 190 
PHE CB  HB2  sing N N 191 
PHE CB  HB3  sing N N 192 
PHE CG  CD1  doub Y N 193 
PHE CG  CD2  sing Y N 194 
PHE CD1 CE1  sing Y N 195 
PHE CD1 HD1  sing N N 196 
PHE CD2 CE2  doub Y N 197 
PHE CD2 HD2  sing N N 198 
PHE CE1 CZ   doub Y N 199 
PHE CE1 HE1  sing N N 200 
PHE CE2 CZ   sing Y N 201 
PHE CE2 HE2  sing N N 202 
PHE CZ  HZ   sing N N 203 
PHE OXT HXT  sing N N 204 
PRO N   CA   sing N N 205 
PRO N   CD   sing N N 206 
PRO N   H    sing N N 207 
PRO CA  C    sing N N 208 
PRO CA  CB   sing N N 209 
PRO CA  HA   sing N N 210 
PRO C   O    doub N N 211 
PRO C   OXT  sing N N 212 
PRO CB  CG   sing N N 213 
PRO CB  HB2  sing N N 214 
PRO CB  HB3  sing N N 215 
PRO CG  CD   sing N N 216 
PRO CG  HG2  sing N N 217 
PRO CG  HG3  sing N N 218 
PRO CD  HD2  sing N N 219 
PRO CD  HD3  sing N N 220 
PRO OXT HXT  sing N N 221 
SER N   CA   sing N N 222 
SER N   H    sing N N 223 
SER N   H2   sing N N 224 
SER CA  C    sing N N 225 
SER CA  CB   sing N N 226 
SER CA  HA   sing N N 227 
SER C   O    doub N N 228 
SER C   OXT  sing N N 229 
SER CB  OG   sing N N 230 
SER CB  HB2  sing N N 231 
SER CB  HB3  sing N N 232 
SER OG  HG   sing N N 233 
SER OXT HXT  sing N N 234 
THR N   CA   sing N N 235 
THR N   H    sing N N 236 
THR N   H2   sing N N 237 
THR CA  C    sing N N 238 
THR CA  CB   sing N N 239 
THR CA  HA   sing N N 240 
THR C   O    doub N N 241 
THR C   OXT  sing N N 242 
THR CB  OG1  sing N N 243 
THR CB  CG2  sing N N 244 
THR CB  HB   sing N N 245 
THR OG1 HG1  sing N N 246 
THR CG2 HG21 sing N N 247 
THR CG2 HG22 sing N N 248 
THR CG2 HG23 sing N N 249 
THR OXT HXT  sing N N 250 
TYR N   CA   sing N N 251 
TYR N   H    sing N N 252 
TYR N   H2   sing N N 253 
TYR CA  C    sing N N 254 
TYR CA  CB   sing N N 255 
TYR CA  HA   sing N N 256 
TYR C   O    doub N N 257 
TYR C   OXT  sing N N 258 
TYR CB  CG   sing N N 259 
TYR CB  HB2  sing N N 260 
TYR CB  HB3  sing N N 261 
TYR CG  CD1  doub Y N 262 
TYR CG  CD2  sing Y N 263 
TYR CD1 CE1  sing Y N 264 
TYR CD1 HD1  sing N N 265 
TYR CD2 CE2  doub Y N 266 
TYR CD2 HD2  sing N N 267 
TYR CE1 CZ   doub Y N 268 
TYR CE1 HE1  sing N N 269 
TYR CE2 CZ   sing Y N 270 
TYR CE2 HE2  sing N N 271 
TYR CZ  OH   sing N N 272 
TYR OH  HH   sing N N 273 
TYR OXT HXT  sing N N 274 
# 
_pdbx_audit_support.funding_organization   'Not funded' 
_pdbx_audit_support.country                ? 
_pdbx_audit_support.grant_number           ? 
_pdbx_audit_support.ordinal                1 
# 
_pdbx_initial_refinement_model.id               1 
_pdbx_initial_refinement_model.entity_id_list   ? 
_pdbx_initial_refinement_model.type             'experimental model' 
_pdbx_initial_refinement_model.source_name      PDB 
_pdbx_initial_refinement_model.accession_code   6ATW 
_pdbx_initial_refinement_model.details          ? 
# 
_atom_sites.entry_id                    7SOH 
_atom_sites.Cartn_transf_matrix[1][1]   ? 
_atom_sites.Cartn_transf_matrix[1][2]   ? 
_atom_sites.Cartn_transf_matrix[1][3]   ? 
_atom_sites.Cartn_transf_matrix[2][1]   ? 
_atom_sites.Cartn_transf_matrix[2][2]   ? 
_atom_sites.Cartn_transf_matrix[2][3]   ? 
_atom_sites.Cartn_transf_matrix[3][1]   ? 
_atom_sites.Cartn_transf_matrix[3][2]   ? 
_atom_sites.Cartn_transf_matrix[3][3]   ? 
_atom_sites.Cartn_transf_vector[1]      ? 
_atom_sites.Cartn_transf_vector[2]      ? 
_atom_sites.Cartn_transf_vector[3]      ? 
_atom_sites.fract_transf_matrix[1][1]   -0.01027036 
_atom_sites.fract_transf_matrix[1][2]   0.02534702 
_atom_sites.fract_transf_matrix[1][3]   0.03503817 
_atom_sites.fract_transf_matrix[2][1]   -0.01466656 
_atom_sites.fract_transf_matrix[2][2]   0.02617738 
_atom_sites.fract_transf_matrix[2][3]   -0.02323607 
_atom_sites.fract_transf_matrix[3][1]   -0.01870432 
_atom_sites.fract_transf_matrix[3][2]   -0.00934528 
_atom_sites.fract_transf_matrix[3][3]   0.00127789 
_atom_sites.fract_transf_vector[1]      1.146595 
_atom_sites.fract_transf_vector[2]      0.165908 
_atom_sites.fract_transf_vector[3]      0.152816 
_atom_sites.solution_primary            ? 
_atom_sites.solution_secondary          ? 
_atom_sites.solution_hydrogens          ? 
_atom_sites.special_details             ? 
# 
loop_
_atom_type.symbol 
C 
N 
O 
S 
# 
loop_
_atom_site.group_PDB 
_atom_site.id 
_atom_site.type_symbol 
_atom_site.label_atom_id 
_atom_site.label_alt_id 
_atom_site.label_comp_id 
_atom_site.label_asym_id 
_atom_site.label_entity_id 
_atom_site.label_seq_id 
_atom_site.pdbx_PDB_ins_code 
_atom_site.Cartn_x 
_atom_site.Cartn_y 
_atom_site.Cartn_z 
_atom_site.occupancy 
_atom_site.B_iso_or_equiv 
_atom_site.pdbx_formal_charge 
_atom_site.auth_seq_id 
_atom_site.auth_comp_id 
_atom_site.auth_asym_id 
_atom_site.auth_atom_id 
_atom_site.pdbx_PDB_model_num 
ATOM   1   N N   . GLY A 1 1  ? -10.803 -7.446 -4.736  1.00 16.13 ? -1  GLY A N   1 
ATOM   2   C CA  . GLY A 1 1  ? -11.244 -6.024 -4.807  1.00 15.57 ? -1  GLY A CA  1 
ATOM   3   C C   . GLY A 1 1  ? -10.152 -5.237 -5.431  1.00 14.38 ? -1  GLY A C   1 
ATOM   4   O O   . GLY A 1 1  ? -9.268  -5.825 -6.047  1.00 15.23 ? -1  GLY A O   1 
ATOM   5   N N   . SER A 1 2  ? -10.223 -3.917 -5.314  1.00 12.86 ? 0   SER A N   1 
ATOM   6   C CA  . SER A 1 2  ? -9.220  -3.009 -5.899  1.00 12.51 ? 0   SER A CA  1 
ATOM   7   C C   . SER A 1 2  ? -7.846  -3.089 -5.210  1.00 12.06 ? 0   SER A C   1 
ATOM   8   O O   . SER A 1 2  ? -6.853  -3.044 -5.849  1.00 11.32 ? 0   SER A O   1 
ATOM   9   C CB  . SER A 1 2  ? -9.730  -1.571 -5.855  1.00 11.97 ? 0   SER A CB  1 
ATOM   10  O OG  . SER A 1 2  ? -10.408 -1.290 -4.651  1.00 11.36 ? 0   SER A OG  1 
ATOM   11  N N   . MET A 1 3  ? -7.848  -3.231 -3.884  1.00 12.40 ? 1   MET A N   1 
ATOM   12  C CA  . MET A 1 3  ? -6.641  -3.144 -3.088  1.00 11.91 ? 1   MET A CA  1 
ATOM   13  C C   . MET A 1 3  ? -5.759  -4.364 -3.197  1.00 11.21 ? 1   MET A C   1 
ATOM   14  O O   . MET A 1 3  ? -6.212  -5.492 -3.256  1.00 10.40 ? 1   MET A O   1 
ATOM   15  C CB  . MET A 1 3  ? -6.957  -2.817 -1.609  1.00 12.99 ? 1   MET A CB  1 
ATOM   16  C CG  . MET A 1 3  ? -7.277  -3.949 -0.686  1.00 13.81 ? 1   MET A CG  1 
ATOM   17  S SD  . MET A 1 3  ? -7.823  -3.247 0.859   1.00 17.34 ? 1   MET A SD  1 
ATOM   18  C CE  . MET A 1 3  ? -8.370  -4.778 1.541   1.00 19.46 ? 1   MET A CE  1 
ATOM   19  N N   . CYS A 1 4  ? -4.481  -4.104 -3.184  1.00 10.37 ? 2   CYS A N   1 
ATOM   20  C CA  . CYS A 1 4  ? -3.503  -5.131 -3.018  1.00 10.62 ? 2   CYS A CA  1 
ATOM   21  C C   . CYS A 1 4  ? -3.570  -5.664 -1.577  1.00 10.96 ? 2   CYS A C   1 
ATOM   22  O O   . CYS A 1 4  ? -3.504  -6.907 -1.333  1.00 10.78 ? 2   CYS A O   1 
ATOM   23  C CB  . CYS A 1 4  ? -2.085  -4.593 -3.361  1.00 10.08 ? 2   CYS A CB  1 
ATOM   24  S SG  . CYS A 1 4  ? -0.836  -5.891 -3.580  1.00 11.06 ? 2   CYS A SG  1 
ATOM   25  N N   . MET A 1 5  ? -3.677  -4.734 -0.638  1.00 11.46 ? 3   MET A N   1 
ATOM   26  C CA  . MET A 1 5  ? -3.784  -5.003 0.805   1.00 11.95 ? 3   MET A CA  1 
ATOM   27  C C   . MET A 1 5  ? -4.292  -3.702 1.446   1.00 12.56 ? 3   MET A C   1 
ATOM   28  O O   . MET A 1 5  ? -4.401  -2.666 0.759   1.00 12.52 ? 3   MET A O   1 
ATOM   29  C CB  . MET A 1 5  ? -2.431  -5.368 1.411   1.00 11.51 ? 3   MET A CB  1 
ATOM   30  C CG  . MET A 1 5  ? -1.427  -4.195 1.336   1.00 11.39 ? 3   MET A CG  1 
ATOM   31  S SD  . MET A 1 5  ? 0.215   -4.632 1.939   1.00 10.98 ? 3   MET A SD  1 
ATOM   32  C CE  . MET A 1 5  ? -0.122  -4.881 3.699   1.00 11.66 ? 3   MET A CE  1 
ATOM   33  N N   . PRO A 1 6  ? -4.630  -3.747 2.753   1.00 14.37 ? 4   PRO A N   1 
ATOM   34  C CA  . PRO A 1 6  ? -5.008  -2.490 3.409   1.00 13.85 ? 4   PRO A CA  1 
ATOM   35  C C   . PRO A 1 6  ? -3.851  -1.578 3.687   1.00 13.13 ? 4   PRO A C   1 
ATOM   36  O O   . PRO A 1 6  ? -2.731  -2.020 3.732   1.00 13.12 ? 4   PRO A O   1 
ATOM   37  C CB  . PRO A 1 6  ? -5.612  -2.948 4.756   1.00 15.12 ? 4   PRO A CB  1 
ATOM   38  C CG  . PRO A 1 6  ? -5.824  -4.418 4.658   1.00 14.98 ? 4   PRO A CG  1 
ATOM   39  C CD  . PRO A 1 6  ? -4.862  -4.932 3.628   1.00 14.61 ? 4   PRO A CD  1 
ATOM   40  N N   . CYS A 1 7  ? -4.145  -0.291 3.902   1.00 12.83 ? 5   CYS A N   1 
ATOM   41  C CA  . CYS A 1 7  ? -3.213  0.641  4.528   1.00 11.63 ? 5   CYS A CA  1 
ATOM   42  C C   . CYS A 1 7  ? -3.875  1.157  5.787   1.00 11.54 ? 5   CYS A C   1 
ATOM   43  O O   . CYS A 1 7  ? -4.991  1.694  5.738   1.00 11.49 ? 5   CYS A O   1 
ATOM   44  C CB  . CYS A 1 7  ? -2.890  1.834  3.620   1.00 11.67 ? 5   CYS A CB  1 
ATOM   45  S SG  . CYS A 1 7  ? -1.909  1.433  2.166   1.00 11.29 ? 5   CYS A SG  1 
ATOM   46  N N   . PHE A 1 8  ? -3.195  0.984  6.910   1.00 11.82 ? 6   PHE A N   1 
ATOM   47  C CA  . PHE A 1 8  ? -3.656  1.429  8.210   1.00 12.52 ? 6   PHE A CA  1 
ATOM   48  C C   . PHE A 1 8  ? -2.733  2.530  8.680   1.00 11.52 ? 6   PHE A C   1 
ATOM   49  O O   . PHE A 1 8  ? -1.536  2.321  8.760   1.00 10.36 ? 6   PHE A O   1 
ATOM   50  C CB  . PHE A 1 8  ? -3.574  0.262  9.251   1.00 14.33 ? 6   PHE A CB  1 
ATOM   51  C CG  . PHE A 1 8  ? -4.371  -0.970 8.872   1.00 15.42 ? 6   PHE A CG  1 
ATOM   52  C CD1 . PHE A 1 8  ? -5.755  -0.905 8.799   1.00 16.20 ? 6   PHE A CD1 1 
ATOM   53  C CD2 . PHE A 1 8  ? -3.736  -2.182 8.575   1.00 16.03 ? 6   PHE A CD2 1 
ATOM   54  C CE1 . PHE A 1 8  ? -6.513  -2.019 8.392   1.00 17.13 ? 6   PHE A CE1 1 
ATOM   55  C CE2 . PHE A 1 8  ? -4.474  -3.288 8.219   1.00 16.67 ? 6   PHE A CE2 1 
ATOM   56  C CZ  . PHE A 1 8  ? -5.877  -3.212 8.128   1.00 16.78 ? 6   PHE A CZ  1 
ATOM   57  N N   . THR A 1 9  ? -3.313  3.670  9.067   1.00 11.53 ? 7   THR A N   1 
ATOM   58  C CA  . THR A 1 9  ? -2.547  4.830  9.588   1.00 11.76 ? 7   THR A CA  1 
ATOM   59  C C   . THR A 1 9  ? -1.744  4.453  10.827  1.00 11.39 ? 7   THR A C   1 
ATOM   60  O O   . THR A 1 9  ? -0.628  4.978  11.028  1.00 12.04 ? 7   THR A O   1 
ATOM   61  C CB  . THR A 1 9  ? -3.415  6.070  9.896   1.00 12.14 ? 7   THR A CB  1 
ATOM   62  O OG1 . THR A 1 9  ? -4.359  5.787  10.925  1.00 11.80 ? 7   THR A OG1 1 
ATOM   63  C CG2 . THR A 1 9  ? -4.167  6.604  8.634   1.00 13.50 ? 7   THR A CG2 1 
ATOM   64  N N   . THR A 1 10 ? -2.265  3.518  11.617  1.00 10.61 ? 8   THR A N   1 
ATOM   65  C CA  . THR A 1 10 ? -1.521  3.016  12.774  1.00 10.74 ? 8   THR A CA  1 
ATOM   66  C C   . THR A 1 10 ? -0.260  2.272  12.449  1.00 10.70 ? 8   THR A C   1 
ATOM   67  O O   . THR A 1 10 ? 0.591   2.103  13.295  1.00 10.75 ? 8   THR A O   1 
ATOM   68  C CB  . THR A 1 10 ? -2.377  2.097  13.621  1.00 10.23 ? 8   THR A CB  1 
ATOM   69  O OG1 . THR A 1 10 ? -3.068  1.209  12.752  1.00 10.08 ? 8   THR A OG1 1 
ATOM   70  C CG2 . THR A 1 10 ? -3.359  2.934  14.451  1.00 10.67 ? 8   THR A CG2 1 
ATOM   71  N N   . ASP A 1 11 ? -0.165  1.780  11.236  1.00 11.58 ? 9   ASP A N   1 
ATOM   72  C CA  . ASP A 1 11 ? 1.064   1.168  10.712  1.00 12.98 ? 9   ASP A CA  1 
ATOM   73  C C   . ASP A 1 11 ? 1.955   2.217  10.046  1.00 13.22 ? 9   ASP A C   1 
ATOM   74  O O   . ASP A 1 11 ? 1.738   2.630  8.873   1.00 12.06 ? 9   ASP A O   1 
ATOM   75  C CB  . ASP A 1 11 ? 0.706   0.100  9.669   1.00 13.71 ? 9   ASP A CB  1 
ATOM   76  C CG  . ASP A 1 11 ? 1.942   -0.618 9.103   1.00 14.95 ? 9   ASP A CG  1 
ATOM   77  O OD1 . ASP A 1 11 ? 3.099   -0.411 9.550   1.00 12.91 ? 9   ASP A OD1 1 
ATOM   78  O OD2 . ASP A 1 11 ? 1.692   -1.397 8.169   1.00 18.51 ? 9   ASP A OD2 1 
ATOM   79  N N   . HIS A 1 12 ? 2.969   2.632  10.790  1.00 13.74 ? 10  HIS A N   1 
ATOM   80  C CA  . HIS A 1 12 ? 3.888   3.688  10.309  1.00 14.32 ? 10  HIS A CA  1 
ATOM   81  C C   . HIS A 1 12 ? 4.725   3.291  9.066   1.00 14.62 ? 10  HIS A C   1 
ATOM   82  O O   . HIS A 1 12 ? 5.330   4.167  8.415   1.00 15.11 ? 10  HIS A O   1 
ATOM   83  C CB  . HIS A 1 12 ? 4.786   4.171  11.470  1.00 14.54 ? 10  HIS A CB  1 
ATOM   84  C CG  . HIS A 1 12 ? 4.016   4.871  12.583  1.00 14.51 ? 10  HIS A CG  1 
ATOM   85  N ND1 . HIS A 1 12 ? 4.592   5.797  13.429  1.00 14.65 ? 10  HIS A ND1 1 
ATOM   86  C CD2 . HIS A 1 12 ? 2.714   4.812  12.939  1.00 13.94 ? 10  HIS A CD2 1 
ATOM   87  C CE1 . HIS A 1 12 ? 3.687   6.239  14.284  1.00 14.98 ? 10  HIS A CE1 1 
ATOM   88  N NE2 . HIS A 1 12 ? 2.534   5.660  14.005  1.00 14.06 ? 10  HIS A NE2 1 
ATOM   89  N N   . GLN A 1 13 ? 4.771   1.986  8.759   1.00 14.68 ? 11  GLN A N   1 
ATOM   90  C CA  . GLN A 1 13 ? 5.513   1.448  7.599   1.00 16.19 ? 11  GLN A CA  1 
ATOM   91  C C   . GLN A 1 13 ? 4.567   1.002  6.460   1.00 14.31 ? 11  GLN A C   1 
ATOM   92  O O   . GLN A 1 13 ? 4.911   0.162  5.595   1.00 14.22 ? 11  GLN A O   1 
ATOM   93  C CB  . GLN A 1 13 ? 6.527   0.376  8.065   1.00 19.04 ? 11  GLN A CB  1 
ATOM   94  C CG  . GLN A 1 13 ? 7.781   0.991  8.764   1.00 23.34 ? 11  GLN A CG  1 
ATOM   95  C CD  . GLN A 1 13 ? 8.307   2.329  8.089   1.00 29.41 ? 11  GLN A CD  1 
ATOM   96  O OE1 . GLN A 1 13 ? 8.613   2.404  6.840   1.00 27.94 ? 11  GLN A OE1 1 
ATOM   97  N NE2 . GLN A 1 13 ? 8.376   3.410  8.917   1.00 30.99 ? 11  GLN A NE2 1 
ATOM   98  N N   . MET A 1 14 ? 3.383   1.614  6.463   1.00 13.79 ? 12  MET A N   1 
ATOM   99  C CA  . MET A 1 14 ? 2.311   1.270  5.551   1.00 14.14 ? 12  MET A CA  1 
ATOM   100 C C   . MET A 1 14 ? 2.723   1.475  4.141   1.00 13.13 ? 12  MET A C   1 
ATOM   101 O O   . MET A 1 14 ? 2.314   0.656  3.307   1.00 11.46 ? 12  MET A O   1 
ATOM   102 C CB  . MET A 1 14 ? 0.964   2.004  5.815   1.00 15.65 ? 12  MET A CB  1 
ATOM   103 C CG  . MET A 1 14 ? 0.895   3.519  5.654   1.00 17.12 ? 12  MET A CG  1 
ATOM   104 S SD  . MET A 1 14 ? -0.800  4.204  5.904   1.00 18.15 ? 12  MET A SD  1 
ATOM   105 C CE  . MET A 1 14 ? -0.442  5.902  5.447   1.00 21.08 ? 12  MET A CE  1 
ATOM   106 N N   . ALA A 1 15 ? 3.516   2.541  3.870   1.00 12.28 ? 13  ALA A N   1 
ATOM   107 C CA  . ALA A 1 15 ? 3.921   2.848  2.482   1.00 11.81 ? 13  ALA A CA  1 
ATOM   108 C C   . ALA A 1 15 ? 4.936   1.809  1.955   1.00 10.99 ? 13  ALA A C   1 
ATOM   109 O O   . ALA A 1 15 ? 4.798   1.364  0.834   1.00 10.15 ? 13  ALA A O   1 
ATOM   110 C CB  . ALA A 1 15 ? 4.446   4.255  2.343   1.00 12.14 ? 13  ALA A CB  1 
ATOM   111 N N   . ARG A 1 16 ? 5.900   1.413  2.775   1.00 10.61 ? 14  ARG A N   1 
ATOM   112 C CA  . ARG A 1 16 ? 6.833   0.319  2.425   1.00 11.26 ? 14  ARG A CA  1 
ATOM   113 C C   . ARG A 1 16 ? 6.128   -1.055 2.193   1.00 11.45 ? 14  ARG A C   1 
ATOM   114 O O   . ARG A 1 16 ? 6.425   -1.734 1.224   1.00 10.85 ? 14  ARG A O   1 
ATOM   115 C CB  . ARG A 1 16 ? 8.013   0.177  3.445   1.00 10.65 ? 14  ARG A CB  1 
ATOM   116 N N   . ARG A 1 17 ? 5.179   -1.445 3.054   1.00 12.76 ? 15  ARG A N   1 
ATOM   117 C CA  . ARG A 1 17 ? 4.437   -2.702 2.883   1.00 12.65 ? 15  ARG A CA  1 
ATOM   118 C C   . ARG A 1 17 ? 3.625   -2.641 1.637   1.00 10.96 ? 15  ARG A C   1 
ATOM   119 O O   . ARG A 1 17 ? 3.546   -3.602 0.901   1.00 10.28 ? 15  ARG A O   1 
ATOM   120 C CB  . ARG A 1 17 ? 3.483   -2.939 4.020   1.00 15.46 ? 15  ARG A CB  1 
ATOM   121 C CG  . ARG A 1 17 ? 4.144   -3.192 5.369   1.00 18.61 ? 15  ARG A CG  1 
ATOM   122 C CD  . ARG A 1 17 ? 3.109   -3.839 6.323   1.00 20.65 ? 15  ARG A CD  1 
ATOM   123 N NE  . ARG A 1 17 ? 3.396   -3.376 7.651   1.00 25.54 ? 15  ARG A NE  1 
ATOM   124 C CZ  . ARG A 1 17 ? 4.439   -3.767 8.414   1.00 29.97 ? 15  ARG A CZ  1 
ATOM   125 N NH1 . ARG A 1 17 ? 5.313   -4.693 7.992   1.00 33.35 ? 15  ARG A NH1 1 
ATOM   126 N NH2 . ARG A 1 17 ? 4.605   -3.241 9.632   1.00 27.28 ? 15  ARG A NH2 1 
ATOM   127 N N   . CYS A 1 18 ? 3.008   -1.503 1.408   1.00 10.12 ? 16  CYS A N   1 
ATOM   128 C CA  . CYS A 1 18 ? 2.191   -1.339 0.223   1.00 10.02 ? 16  CYS A CA  1 
ATOM   129 C C   . CYS A 1 18 ? 3.047   -1.493 -1.038  1.00 9.57  ? 16  CYS A C   1 
ATOM   130 O O   . CYS A 1 18 ? 2.621   -2.127 -1.990  1.00 9.33  ? 16  CYS A O   1 
ATOM   131 C CB  . CYS A 1 18 ? 1.397   0.017  0.225   1.00 9.88  ? 16  CYS A CB  1 
ATOM   132 S SG  . CYS A 1 18 ? 0.494   0.408  -1.316  1.00 10.01 ? 16  CYS A SG  1 
ATOM   133 N N   . ASP A 1 19 ? 4.255   -0.920 -1.050  1.00 9.67  ? 17  ASP A N   1 
ATOM   134 C CA  . ASP A 1 19 ? 5.170   -1.093 -2.167  1.00 9.52  ? 17  ASP A CA  1 
ATOM   135 C C   . ASP A 1 19 ? 5.505   -2.566 -2.370  1.00 9.80  ? 17  ASP A C   1 
ATOM   136 O O   . ASP A 1 19 ? 5.468   -3.057 -3.507  1.00 9.35  ? 17  ASP A O   1 
ATOM   137 C CB  . ASP A 1 19 ? 6.470   -0.308 -1.941  1.00 9.72  ? 17  ASP A CB  1 
ATOM   138 C CG  . ASP A 1 19 ? 6.366   1.101  -2.381  1.00 10.09 ? 17  ASP A CG  1 
ATOM   139 O OD1 . ASP A 1 19 ? 5.378   1.495  -3.031  1.00 9.85  ? 17  ASP A OD1 1 
ATOM   140 O OD2 . ASP A 1 19 ? 7.319   1.851  -2.102  1.00 11.05 ? 17  ASP A OD2 1 
ATOM   141 N N   . ASP A 1 20 ? 5.824   -3.252 -1.271  1.00 10.02 ? 18  ASP A N   1 
ATOM   142 C CA  . ASP A 1 20 ? 6.140   -4.667 -1.286  1.00 10.21 ? 18  ASP A CA  1 
ATOM   143 C C   . ASP A 1 20 ? 4.999   -5.471 -1.963  1.00 9.71  ? 18  ASP A C   1 
ATOM   144 O O   . ASP A 1 20 ? 5.222   -6.321 -2.858  1.00 9.32  ? 18  ASP A O   1 
ATOM   145 C CB  . ASP A 1 20 ? 6.391   -5.130 0.150   1.00 11.42 ? 18  ASP A CB  1 
ATOM   146 C CG  . ASP A 1 20 ? 7.023   -6.526 0.241   1.00 12.36 ? 18  ASP A CG  1 
ATOM   147 O OD1 . ASP A 1 20 ? 7.293   -7.178 -0.787  1.00 14.81 ? 18  ASP A OD1 1 
ATOM   148 O OD2 . ASP A 1 20 ? 7.227   -6.981 1.356   1.00 13.31 ? 18  ASP A OD2 1 
ATOM   149 N N   . CYS A 1 21 ? 3.762   -5.155 -1.571  1.00 9.36  ? 19  CYS A N   1 
ATOM   150 C CA  . CYS A 1 21 ? 2.569   -5.779 -2.167  1.00 9.29  ? 19  CYS A CA  1 
ATOM   151 C C   . CYS A 1 21 ? 2.530   -5.635 -3.678  1.00 9.24  ? 19  CYS A C   1 
ATOM   152 O O   . CYS A 1 21 ? 2.204   -6.581 -4.402  1.00 9.51  ? 19  CYS A O   1 
ATOM   153 C CB  . CYS A 1 21 ? 1.258   -5.255 -1.516  1.00 9.29  ? 19  CYS A CB  1 
ATOM   154 S SG  . CYS A 1 21 ? -0.221  -6.293 -1.731  1.00 9.51  ? 19  CYS A SG  1 
ATOM   155 N N   . CYS A 1 22 ? 2.908   -4.440 -4.136  1.00 9.75  ? 20  CYS A N   1 
ATOM   156 C CA  . CYS A 1 22 ? 2.807   -3.992 -5.506  1.00 9.79  ? 20  CYS A CA  1 
ATOM   157 C C   . CYS A 1 22 ? 4.080   -4.230 -6.368  1.00 10.06 ? 20  CYS A C   1 
ATOM   158 O O   . CYS A 1 22 ? 4.111   -3.881 -7.571  1.00 9.92  ? 20  CYS A O   1 
ATOM   159 C CB  . CYS A 1 22 ? 2.373   -2.523 -5.521  1.00 9.54  ? 20  CYS A CB  1 
ATOM   160 S SG  . CYS A 1 22 ? 0.663   -2.331 -4.981  1.00 9.83  ? 20  CYS A SG  1 
ATOM   161 N N   . GLY A 1 23 ? 5.105   -4.851 -5.787  1.00 9.76  ? 21  GLY A N   1 
ATOM   162 C CA  . GLY A 1 23 ? 6.217   -5.326 -6.570  1.00 10.25 ? 21  GLY A CA  1 
ATOM   163 C C   . GLY A 1 23 ? 7.520   -4.608 -6.383  1.00 10.41 ? 21  GLY A C   1 
ATOM   164 O O   . GLY A 1 23 ? 8.497   -4.982 -6.999  1.00 10.02 ? 21  GLY A O   1 
ATOM   165 N N   . GLY A 1 24 ? 7.543   -3.623 -5.489  1.00 10.87 ? 22  GLY A N   1 
ATOM   166 C CA  . GLY A 1 24 ? 8.788   -2.894 -5.119  1.00 11.42 ? 22  GLY A CA  1 
ATOM   167 C C   . GLY A 1 24 ? 8.650   -1.374 -4.977  1.00 11.68 ? 22  GLY A C   1 
ATOM   168 O O   . GLY A 1 24 ? 7.531   -0.843 -4.956  1.00 11.76 ? 22  GLY A O   1 
ATOM   169 N N   . ARG A 1 25 ? 9.797   -0.697 -4.861  1.00 12.04 ? 23  ARG A N   1 
ATOM   170 C CA  . ARG A 1 25 ? 9.857   0.725  -4.504  1.00 13.46 ? 23  ARG A CA  1 
ATOM   171 C C   . ARG A 1 25 ? 9.106   1.668  -5.462  1.00 12.05 ? 23  ARG A C   1 
ATOM   172 O O   . ARG A 1 25 ? 9.316   1.681  -6.648  1.00 12.04 ? 23  ARG A O   1 
ATOM   173 C CB  . ARG A 1 25 ? 11.304  1.175  -4.331  1.00 15.70 ? 23  ARG A CB  1 
ATOM   174 C CG  . ARG A 1 25 ? 11.515  2.657  -4.013  1.00 18.41 ? 23  ARG A CG  1 
ATOM   175 C CD  . ARG A 1 25 ? 12.419  2.908  -2.791  1.00 23.38 ? 23  ARG A CD  1 
ATOM   176 N NE  . ARG A 1 25 ? 13.867  2.748  -2.990  1.00 28.78 ? 23  ARG A NE  1 
ATOM   177 N N   . GLY A 1 26 ? 8.205   2.436  -4.881  1.00 11.76 ? 24  GLY A N   1 
ATOM   178 C CA  . GLY A 1 26 ? 7.299   3.352  -5.607  1.00 11.26 ? 24  GLY A CA  1 
ATOM   179 C C   . GLY A 1 26 ? 6.130   2.769  -6.368  1.00 11.02 ? 24  GLY A C   1 
ATOM   180 O O   . GLY A 1 26 ? 5.483   3.522  -7.087  1.00 11.33 ? 24  GLY A O   1 
ATOM   181 N N   . ARG A 1 27 ? 5.853   1.465  -6.248  1.00 10.77 ? 25  ARG A N   1 
ATOM   182 C CA  . ARG A 1 27 ? 4.824   0.795  -7.033  1.00 10.46 ? 25  ARG A CA  1 
ATOM   183 C C   . ARG A 1 27 ? 3.414   0.817  -6.450  1.00 10.79 ? 25  ARG A C   1 
ATOM   184 O O   . ARG A 1 27 ? 2.435   0.708  -7.193  1.00 12.72 ? 25  ARG A O   1 
ATOM   185 C CB  . ARG A 1 27 ? 5.251   -0.609 -7.359  1.00 9.85  ? 25  ARG A CB  1 
ATOM   186 C CG  . ARG A 1 27 ? 6.543   -0.643 -8.165  1.00 9.49  ? 25  ARG A CG  1 
ATOM   187 C CD  . ARG A 1 27 ? 6.829   -2.062 -8.463  1.00 9.32  ? 25  ARG A CD  1 
ATOM   188 N NE  . ARG A 1 27 ? 8.050   -2.324 -9.202  1.00 9.77  ? 25  ARG A NE  1 
ATOM   189 C CZ  . ARG A 1 27 ? 8.184   -2.319 -10.520 1.00 9.66  ? 25  ARG A CZ  1 
ATOM   190 N NH1 . ARG A 1 27 ? 7.179   -1.990 -11.314 1.00 9.43  ? 25  ARG A NH1 1 
ATOM   191 N NH2 . ARG A 1 27 ? 9.363   -2.608 -11.055 1.00 10.03 ? 25  ARG A NH2 1 
ATOM   192 N N   . GLY A 1 28 ? 3.284   0.985  -5.142  1.00 11.36 ? 26  GLY A N   1 
ATOM   193 C CA  . GLY A 1 28 ? 1.984   1.078  -4.487  1.00 10.78 ? 26  GLY A CA  1 
ATOM   194 C C   . GLY A 1 28 ? 1.755   2.473  -3.921  1.00 10.99 ? 26  GLY A C   1 
ATOM   195 O O   . GLY A 1 28 ? 2.691   3.254  -3.595  1.00 10.29 ? 26  GLY A O   1 
ATOM   196 N N   . ARG A 1 29 ? 0.481   2.789  -3.782  1.00 11.64 ? 27  ARG A N   1 
ATOM   197 C CA  . ARG A 1 29 ? 0.098   3.966  -3.034  1.00 11.86 ? 27  ARG A CA  1 
ATOM   198 C C   . ARG A 1 29 ? -1.061  3.663  -2.084  1.00 10.92 ? 27  ARG A C   1 
ATOM   199 O O   . ARG A 1 29 ? -2.023  2.978  -2.428  1.00 9.82  ? 27  ARG A O   1 
ATOM   200 C CB  . ARG A 1 29 ? -0.206  5.153  -3.968  1.00 13.47 ? 27  ARG A CB  1 
ATOM   201 C CG  . ARG A 1 29 ? -1.409  4.944  -4.892  1.00 15.13 ? 27  ARG A CG  1 
ATOM   202 C CD  . ARG A 1 29 ? -1.849  6.230  -5.539  1.00 17.50 ? 27  ARG A CD  1 
ATOM   203 N NE  . ARG A 1 29 ? -3.196  6.080  -6.064  1.00 20.96 ? 27  ARG A NE  1 
ATOM   204 C CZ  . ARG A 1 29 ? -4.160  7.007  -5.988  1.00 24.39 ? 27  ARG A CZ  1 
ATOM   205 N NH1 . ARG A 1 29 ? -3.965  8.187  -5.389  1.00 24.56 ? 27  ARG A NH1 1 
ATOM   206 N NH2 . ARG A 1 29 ? -5.372  6.732  -6.482  1.00 25.61 ? 27  ARG A NH2 1 
ATOM   207 N N   . CYS A 1 30 ? -0.911  4.196  -0.874  1.00 11.19 ? 28  CYS A N   1 
ATOM   208 C CA  . CYS A 1 30 ? -1.940  4.203  0.145   1.00 11.45 ? 28  CYS A CA  1 
ATOM   209 C C   . CYS A 1 30 ? -2.829  5.364  -0.132  1.00 12.26 ? 28  CYS A C   1 
ATOM   210 O O   . CYS A 1 30 ? -2.422  6.536  -0.049  1.00 12.15 ? 28  CYS A O   1 
ATOM   211 C CB  . CYS A 1 30 ? -1.323  4.337  1.525   1.00 11.52 ? 28  CYS A CB  1 
ATOM   212 S SG  . CYS A 1 30 ? -0.463  2.842  2.064   1.00 11.65 ? 28  CYS A SG  1 
ATOM   213 N N   . TYR A 1 31 ? -4.024  5.044  -0.575  1.00 13.55 ? 29  TYR A N   1 
ATOM   214 C CA  . TYR A 1 31 ? -5.013  6.052  -0.884  1.00 14.06 ? 29  TYR A CA  1 
ATOM   215 C C   . TYR A 1 31 ? -6.198  5.694  0.020   1.00 14.16 ? 29  TYR A C   1 
ATOM   216 O O   . TYR A 1 31 ? -6.867  4.669  -0.191  1.00 13.34 ? 29  TYR A O   1 
ATOM   217 C CB  . TYR A 1 31 ? -5.366  6.061  -2.368  1.00 15.50 ? 29  TYR A CB  1 
ATOM   218 C CG  . TYR A 1 31 ? -6.545  7.000  -2.656  1.00 17.46 ? 29  TYR A CG  1 
ATOM   219 C CD1 . TYR A 1 31 ? -6.530  8.352  -2.254  1.00 18.77 ? 29  TYR A CD1 1 
ATOM   220 C CD2 . TYR A 1 31 ? -7.639  6.551  -3.346  1.00 19.99 ? 29  TYR A CD2 1 
ATOM   221 C CE1 . TYR A 1 31 ? -7.596  9.210  -2.523  1.00 21.46 ? 29  TYR A CE1 1 
ATOM   222 C CE2 . TYR A 1 31 ? -8.709  7.393  -3.629  1.00 22.34 ? 29  TYR A CE2 1 
ATOM   223 C CZ  . TYR A 1 31 ? -8.696  8.710  -3.201  1.00 23.14 ? 29  TYR A CZ  1 
ATOM   224 O OH  . TYR A 1 31 ? -9.794  9.477  -3.514  1.00 25.86 ? 29  TYR A OH  1 
ATOM   225 N N   . GLY A 1 32 ? -6.428  6.504  1.041   1.00 12.52 ? 30  GLY A N   1 
ATOM   226 C CA  . GLY A 1 32 ? -7.314  6.106  2.090   1.00 13.72 ? 30  GLY A CA  1 
ATOM   227 C C   . GLY A 1 32 ? -6.953  4.749  2.710   1.00 13.09 ? 30  GLY A C   1 
ATOM   228 O O   . GLY A 1 32 ? -5.792  4.448  2.881   1.00 12.56 ? 30  GLY A O   1 
ATOM   229 N N   . PRO A 1 33 ? -7.960  3.904  2.966   1.00 13.50 ? 31  PRO A N   1 
ATOM   230 C CA  . PRO A 1 33 ? -7.700  2.567  3.548   1.00 13.57 ? 31  PRO A CA  1 
ATOM   231 C C   . PRO A 1 33 ? -7.186  1.461  2.611   1.00 12.25 ? 31  PRO A C   1 
ATOM   232 O O   . PRO A 1 33 ? -7.067  0.322  3.072   1.00 11.33 ? 31  PRO A O   1 
ATOM   233 C CB  . PRO A 1 33 ? -9.089  2.171  4.088   1.00 14.21 ? 31  PRO A CB  1 
ATOM   234 C CG  . PRO A 1 33 ? -10.068 2.855  3.184   1.00 14.12 ? 31  PRO A CG  1 
ATOM   235 C CD  . PRO A 1 33 ? -9.417  4.138  2.772   1.00 14.41 ? 31  PRO A CD  1 
ATOM   236 N N   . GLN A 1 34 ? -6.895  1.780  1.343   1.00 11.21 ? 32  GLN A N   1 
ATOM   237 C CA  . GLN A 1 34 ? -6.443  0.806  0.376   1.00 10.87 ? 32  GLN A CA  1 
ATOM   238 C C   . GLN A 1 34 ? -5.039  1.084  -0.110  1.00 10.28 ? 32  GLN A C   1 
ATOM   239 O O   . GLN A 1 34 ? -4.672  2.223  -0.448  1.00 9.73  ? 32  GLN A O   1 
ATOM   240 C CB  . GLN A 1 34 ? -7.372  0.755  -0.831  1.00 11.48 ? 32  GLN A CB  1 
ATOM   241 C CG  . GLN A 1 34 ? -8.769  0.257  -0.531  1.00 12.40 ? 32  GLN A CG  1 
ATOM   242 C CD  . GLN A 1 34 ? -9.576  -0.001 -1.774  1.00 12.52 ? 32  GLN A CD  1 
ATOM   243 O OE1 . GLN A 1 34 ? -9.025  -0.289 -2.844  1.00 13.75 ? 32  GLN A OE1 1 
ATOM   244 N NE2 . GLN A 1 34 ? -10.886 0.106  -1.650  1.00 12.39 ? 32  GLN A NE2 1 
ATOM   245 N N   . CYS A 1 35 ? -4.249  0.019  -0.167  1.00 9.68  ? 33  CYS A N   1 
ATOM   246 C CA  . CYS A 1 35 ? -3.017  0.015  -0.987  1.00 9.67  ? 33  CYS A CA  1 
ATOM   247 C C   . CYS A 1 35 ? -3.421  -0.338 -2.438  1.00 10.06 ? 33  CYS A C   1 
ATOM   248 O O   . CYS A 1 35 ? -3.950  -1.428 -2.721  1.00 9.90  ? 33  CYS A O   1 
ATOM   249 C CB  . CYS A 1 35 ? -2.002  -1.012 -0.456  1.00 9.50  ? 33  CYS A CB  1 
ATOM   250 S SG  . CYS A 1 35 ? -0.627  -1.302 -1.580  1.00 9.70  ? 33  CYS A SG  1 
ATOM   251 N N   . LEU A 1 36 ? -3.167  0.592  -3.343  1.00 10.63 ? 34  LEU A N   1 
ATOM   252 C CA  . LEU A 1 36 ? -3.463  0.461  -4.782  1.00 10.38 ? 34  LEU A CA  1 
ATOM   253 C C   . LEU A 1 36 ? -2.150  0.438  -5.551  1.00 11.00 ? 34  LEU A C   1 
ATOM   254 O O   . LEU A 1 36 ? -1.316  1.346  -5.387  1.00 11.01 ? 34  LEU A O   1 
ATOM   255 C CB  . LEU A 1 36 ? -4.285  1.673  -5.240  1.00 10.32 ? 34  LEU A CB  1 
ATOM   256 C CG  . LEU A 1 36 ? -5.648  1.808  -4.564  1.00 10.27 ? 34  LEU A CG  1 
ATOM   257 C CD1 . LEU A 1 36 ? -6.270  3.162  -4.915  1.00 10.23 ? 34  LEU A CD1 1 
ATOM   258 C CD2 . LEU A 1 36 ? -6.521  0.604  -4.999  1.00 10.37 ? 34  LEU A CD2 1 
ATOM   259 N N   . CYS A 1 37 ? -1.963  -0.555 -6.397  1.00 10.88 ? 35  CYS A N   1 
ATOM   260 C CA  . CYS A 1 37 ? -0.767  -0.573 -7.206  1.00 11.65 ? 35  CYS A CA  1 
ATOM   261 C C   . CYS A 1 37 ? -0.918  0.493  -8.310  1.00 14.19 ? 35  CYS A C   1 
ATOM   262 O O   . CYS A 1 37 ? -1.967  0.628  -8.923  1.00 15.89 ? 35  CYS A O   1 
ATOM   263 C CB  . CYS A 1 37 ? -0.540  -1.962 -7.764  1.00 10.91 ? 35  CYS A CB  1 
ATOM   264 S SG  . CYS A 1 37 ? -0.389  -3.236 -6.504  1.00 10.84 ? 35  CYS A SG  1 
ATOM   265 N N   . ARG A 1 38 ? 0.104   1.296  -8.506  1.00 16.69 ? 36  ARG A N   1 
ATOM   266 C CA  . ARG A 1 38 ? 0.085   2.383  -9.508  1.00 17.82 ? 36  ARG A CA  1 
ATOM   267 C C   . ARG A 1 38 ? 0.124   1.849  -10.949 1.00 17.85 ? 36  ARG A C   1 
ATOM   268 O O   . ARG A 1 38 ? 0.576   0.694  -11.224 1.00 16.89 ? 36  ARG A O   1 
ATOM   269 C CB  . ARG A 1 38 ? 1.288   3.313  -9.291  1.00 17.89 ? 36  ARG A CB  1 
ATOM   270 C CG  . ARG A 1 38 ? 1.218   4.133  -8.021  1.00 18.74 ? 36  ARG A CG  1 
ATOM   271 C CD  . ARG A 1 38 ? 2.530   4.849  -7.744  1.00 19.14 ? 36  ARG A CD  1 
ATOM   272 N NE  . ARG A 1 38 ? 2.315   6.052  -6.947  1.00 20.63 ? 36  ARG A NE  1 
ATOM   273 C CZ  . ARG A 1 38 ? 3.165   6.571  -6.061  1.00 23.15 ? 36  ARG A CZ  1 
ATOM   274 N NH1 . ARG A 1 38 ? 4.360   6.024  -5.787  1.00 22.29 ? 36  ARG A NH1 1 
ATOM   275 N NH2 . ARG A 1 38 ? 2.824   7.700  -5.454  1.00 24.80 ? 36  ARG A NH2 1 
ATOM   276 O OXT . ARG A 1 38 ? -0.285  2.622  -11.852 1.00 19.49 ? 36  ARG A OXT 1 
HETATM 277 O O   . HOH B 2 .  ? 7.044   3.130  4.905   1.00 15.46 ? 101 HOH A O   1 
HETATM 278 O O   . HOH B 2 .  ? -2.048  8.104  -2.112  1.00 15.15 ? 102 HOH A O   1 
HETATM 279 O O   . HOH B 2 .  ? 4.758   4.589  5.852   1.00 9.00  ? 103 HOH A O   1 
HETATM 280 O O   . HOH B 2 .  ? 11.057  0.536  -8.321  1.00 10.59 ? 104 HOH A O   1 
HETATM 281 O O   . HOH B 2 .  ? 1.003   5.228  8.799   1.00 18.06 ? 105 HOH A O   1 
HETATM 282 O O   . HOH B 2 .  ? -4.161  -1.070 -8.904  1.00 13.24 ? 106 HOH A O   1 
HETATM 283 O O   . HOH B 2 .  ? -3.501  3.970  -7.855  1.00 16.40 ? 107 HOH A O   1 
HETATM 284 O O   . HOH B 2 .  ? 3.128   2.923  -0.761  1.00 7.24  ? 108 HOH A O   1 
HETATM 285 O O   . HOH B 2 .  ? 6.536   -9.598 2.047   1.00 10.40 ? 109 HOH A O   1 
HETATM 286 O O   . HOH B 2 .  ? -4.171  -2.538 -6.477  1.00 9.45  ? 110 HOH A O   1 
HETATM 287 O O   . HOH B 2 .  ? 10.694  -2.167 -8.124  1.00 10.44 ? 111 HOH A O   1 
HETATM 288 O O   . HOH B 2 .  ? -0.483  -0.595 6.320   1.00 12.48 ? 112 HOH A O   1 
HETATM 289 O O   . HOH B 2 .  ? -5.467  4.573  6.408   1.00 26.24 ? 113 HOH A O   1 
HETATM 290 O O   . HOH B 2 .  ? 12.140  -2.537 -5.505  1.00 11.27 ? 114 HOH A O   1 
HETATM 291 O O   . HOH B 2 .  ? -6.937  9.589  -7.257  1.00 34.08 ? 115 HOH A O   1 
# 
